data_2EOF
#
_entry.id   2EOF
#
loop_
_entity.id
_entity.type
_entity.pdbx_description
1 polymer 'Zinc finger protein 268'
2 non-polymer 'ZINC ION'
#
_entity_poly.entity_id   1
_entity_poly.type   'polypeptide(L)'
_entity_poly.pdbx_seq_one_letter_code
;GSSGSSGTGEKPYECNECQKAFNTKSNLMVHQRTHTGESGPSSG
;
_entity_poly.pdbx_strand_id   A
#
# COMPACT_ATOMS: atom_id res chain seq x y z
N GLY A 1 18.70 15.27 -11.57
CA GLY A 1 17.93 14.26 -10.88
C GLY A 1 16.73 13.79 -11.67
N SER A 2 15.77 13.17 -10.99
CA SER A 2 14.56 12.67 -11.64
C SER A 2 13.31 13.30 -11.02
N SER A 3 12.16 12.97 -11.59
CA SER A 3 10.89 13.50 -11.10
C SER A 3 9.75 12.53 -11.38
N GLY A 4 8.69 12.62 -10.58
CA GLY A 4 7.55 11.74 -10.75
C GLY A 4 7.79 10.35 -10.17
N SER A 5 6.71 9.64 -9.89
CA SER A 5 6.79 8.30 -9.32
C SER A 5 6.73 7.23 -10.42
N SER A 6 7.89 6.87 -10.96
CA SER A 6 7.97 5.87 -12.01
C SER A 6 9.17 4.95 -11.82
N GLY A 7 8.97 3.66 -12.06
CA GLY A 7 10.04 2.70 -11.90
C GLY A 7 9.78 1.42 -12.65
N THR A 8 10.40 0.33 -12.21
CA THR A 8 10.25 -0.97 -12.85
C THR A 8 9.96 -2.07 -11.84
N GLY A 9 8.69 -2.41 -11.69
CA GLY A 9 8.31 -3.45 -10.74
C GLY A 9 6.86 -3.38 -10.34
N GLU A 10 5.99 -3.90 -11.20
CA GLU A 10 4.55 -3.88 -10.93
C GLU A 10 4.09 -5.19 -10.30
N LYS A 11 3.24 -5.09 -9.28
CA LYS A 11 2.73 -6.27 -8.60
C LYS A 11 1.23 -6.43 -8.81
N PRO A 12 0.75 -7.67 -8.77
CA PRO A 12 -0.67 -7.99 -8.96
C PRO A 12 -1.53 -7.50 -7.79
N TYR A 13 -0.88 -7.00 -6.75
CA TYR A 13 -1.58 -6.51 -5.58
C TYR A 13 -1.37 -5.01 -5.41
N GLU A 14 -2.48 -4.27 -5.32
CA GLU A 14 -2.42 -2.82 -5.15
C GLU A 14 -3.37 -2.36 -4.05
N CYS A 15 -2.91 -1.41 -3.24
CA CYS A 15 -3.71 -0.88 -2.15
C CYS A 15 -4.74 0.12 -2.68
N ASN A 16 -6.00 -0.06 -2.26
CA ASN A 16 -7.07 0.83 -2.69
C ASN A 16 -7.21 2.01 -1.75
N GLU A 17 -6.11 2.37 -1.09
CA GLU A 17 -6.10 3.49 -0.15
C GLU A 17 -4.93 4.42 -0.43
N CYS A 18 -3.73 3.85 -0.53
CA CYS A 18 -2.53 4.63 -0.80
C CYS A 18 -1.93 4.27 -2.15
N GLN A 19 -2.49 3.25 -2.79
CA GLN A 19 -2.01 2.79 -4.09
C GLN A 19 -0.57 2.30 -3.99
N LYS A 20 -0.32 1.39 -3.05
CA LYS A 20 1.01 0.84 -2.86
C LYS A 20 1.04 -0.65 -3.24
N ALA A 21 1.90 -0.99 -4.19
CA ALA A 21 2.03 -2.37 -4.64
C ALA A 21 2.74 -3.23 -3.60
N PHE A 22 2.36 -4.49 -3.52
CA PHE A 22 2.96 -5.41 -2.56
C PHE A 22 3.32 -6.73 -3.23
N ASN A 23 4.17 -7.51 -2.56
CA ASN A 23 4.60 -8.80 -3.10
C ASN A 23 3.53 -9.87 -2.87
N THR A 24 3.00 -9.92 -1.65
CA THR A 24 1.98 -10.89 -1.31
C THR A 24 0.69 -10.20 -0.87
N LYS A 25 -0.42 -10.93 -0.93
CA LYS A 25 -1.72 -10.39 -0.54
C LYS A 25 -1.82 -10.26 0.98
N SER A 26 -1.45 -11.32 1.69
CA SER A 26 -1.50 -11.32 3.14
C SER A 26 -1.00 -9.99 3.71
N ASN A 27 0.16 -9.55 3.22
CA ASN A 27 0.74 -8.30 3.67
C ASN A 27 -0.17 -7.11 3.34
N LEU A 28 -0.63 -7.07 2.10
CA LEU A 28 -1.52 -6.00 1.66
C LEU A 28 -2.77 -5.91 2.53
N MET A 29 -3.48 -7.04 2.64
CA MET A 29 -4.69 -7.09 3.46
C MET A 29 -4.47 -6.41 4.80
N VAL A 30 -3.45 -6.85 5.53
CA VAL A 30 -3.14 -6.28 6.83
C VAL A 30 -2.68 -4.84 6.70
N HIS A 31 -2.01 -4.54 5.60
CA HIS A 31 -1.51 -3.19 5.35
C HIS A 31 -2.67 -2.21 5.15
N GLN A 32 -3.84 -2.74 4.83
CA GLN A 32 -5.02 -1.91 4.60
C GLN A 32 -5.62 -1.45 5.92
N ARG A 33 -5.83 -2.40 6.84
CA ARG A 33 -6.40 -2.08 8.14
C ARG A 33 -5.38 -1.37 9.03
N THR A 34 -4.14 -1.83 8.96
CA THR A 34 -3.07 -1.24 9.76
C THR A 34 -2.98 0.26 9.52
N HIS A 35 -3.30 0.70 8.32
CA HIS A 35 -3.25 2.11 7.96
C HIS A 35 -3.69 2.97 9.14
N THR A 36 -4.81 2.60 9.76
CA THR A 36 -5.32 3.35 10.91
C THR A 36 -4.76 2.80 12.22
N GLY A 37 -3.82 3.52 12.79
CA GLY A 37 -3.21 3.10 14.04
C GLY A 37 -1.83 3.69 14.26
N GLU A 38 -0.81 3.00 13.77
CA GLU A 38 0.56 3.46 13.91
C GLU A 38 0.66 4.96 13.66
N SER A 39 0.79 5.74 14.73
CA SER A 39 0.89 7.18 14.63
C SER A 39 1.89 7.58 13.54
N GLY A 40 1.36 8.05 12.40
CA GLY A 40 2.21 8.47 11.31
C GLY A 40 1.56 9.51 10.42
N PRO A 41 0.92 9.04 9.34
CA PRO A 41 0.24 9.93 8.39
C PRO A 41 -1.02 10.56 8.98
N SER A 42 -1.20 11.86 8.73
CA SER A 42 -2.36 12.58 9.23
C SER A 42 -3.62 12.20 8.47
N SER A 43 -4.53 11.50 9.14
CA SER A 43 -5.78 11.07 8.52
C SER A 43 -6.36 12.18 7.65
N GLY A 44 -6.50 13.36 8.23
CA GLY A 44 -7.05 14.49 7.49
C GLY A 44 -8.50 14.78 7.88
N GLY A 1 14.84 14.13 -19.14
CA GLY A 1 13.84 13.09 -19.33
C GLY A 1 14.15 11.84 -18.54
N SER A 2 13.98 11.91 -17.22
CA SER A 2 14.25 10.77 -16.35
C SER A 2 13.25 9.66 -16.59
N SER A 3 13.51 8.82 -17.60
CA SER A 3 12.63 7.71 -17.93
C SER A 3 12.48 6.76 -16.75
N GLY A 4 11.48 7.02 -15.92
CA GLY A 4 11.24 6.17 -14.76
C GLY A 4 12.52 5.82 -14.03
N SER A 5 12.93 6.68 -13.09
CA SER A 5 14.15 6.45 -12.33
C SER A 5 13.95 5.35 -11.30
N SER A 6 12.95 5.52 -10.44
CA SER A 6 12.66 4.53 -9.41
C SER A 6 11.27 3.93 -9.61
N GLY A 7 11.20 2.61 -9.59
CA GLY A 7 9.92 1.93 -9.77
C GLY A 7 9.91 1.03 -10.98
N THR A 8 10.53 -0.15 -10.85
CA THR A 8 10.59 -1.11 -11.94
C THR A 8 9.86 -2.40 -11.58
N GLY A 9 8.94 -2.81 -12.45
CA GLY A 9 8.19 -4.02 -12.21
C GLY A 9 6.85 -3.76 -11.53
N GLU A 10 5.81 -4.46 -11.97
CA GLU A 10 4.48 -4.29 -11.40
C GLU A 10 4.12 -5.47 -10.49
N LYS A 11 3.06 -5.30 -9.72
CA LYS A 11 2.61 -6.34 -8.81
C LYS A 11 1.10 -6.53 -8.89
N PRO A 12 0.64 -7.79 -8.76
CA PRO A 12 -0.78 -8.13 -8.83
C PRO A 12 -1.55 -7.62 -7.61
N TYR A 13 -0.81 -7.11 -6.63
CA TYR A 13 -1.43 -6.59 -5.41
C TYR A 13 -1.18 -5.10 -5.26
N GLU A 14 -2.22 -4.35 -4.91
CA GLU A 14 -2.11 -2.90 -4.75
C GLU A 14 -3.15 -2.40 -3.75
N CYS A 15 -2.85 -1.27 -3.12
CA CYS A 15 -3.75 -0.67 -2.14
C CYS A 15 -4.65 0.37 -2.80
N ASN A 16 -5.94 0.31 -2.47
CA ASN A 16 -6.91 1.25 -3.02
C ASN A 16 -7.10 2.45 -2.10
N GLU A 17 -6.07 2.75 -1.30
CA GLU A 17 -6.13 3.87 -0.37
C GLU A 17 -4.87 4.72 -0.46
N CYS A 18 -3.72 4.05 -0.37
CA CYS A 18 -2.44 4.74 -0.44
C CYS A 18 -1.76 4.49 -1.78
N GLN A 19 -2.30 3.55 -2.55
CA GLN A 19 -1.75 3.22 -3.85
C GLN A 19 -0.37 2.58 -3.71
N LYS A 20 -0.23 1.67 -2.76
CA LYS A 20 1.04 0.99 -2.52
C LYS A 20 0.97 -0.47 -2.97
N ALA A 21 1.85 -0.85 -3.88
CA ALA A 21 1.89 -2.22 -4.39
C ALA A 21 2.61 -3.14 -3.41
N PHE A 22 2.18 -4.40 -3.38
CA PHE A 22 2.78 -5.39 -2.49
C PHE A 22 3.12 -6.66 -3.26
N ASN A 23 3.99 -7.48 -2.66
CA ASN A 23 4.40 -8.74 -3.28
C ASN A 23 3.33 -9.81 -3.12
N THR A 24 2.89 -10.01 -1.88
CA THR A 24 1.86 -11.00 -1.58
C THR A 24 0.59 -10.34 -1.04
N LYS A 25 -0.52 -11.07 -1.10
CA LYS A 25 -1.79 -10.55 -0.62
C LYS A 25 -1.80 -10.45 0.91
N SER A 26 -1.49 -11.57 1.56
CA SER A 26 -1.46 -11.61 3.03
C SER A 26 -0.76 -10.38 3.59
N ASN A 27 0.20 -9.87 2.83
CA ASN A 27 0.96 -8.70 3.26
C ASN A 27 0.14 -7.43 3.08
N LEU A 28 -0.60 -7.35 1.99
CA LEU A 28 -1.44 -6.19 1.70
C LEU A 28 -2.65 -6.15 2.62
N MET A 29 -3.35 -7.27 2.72
CA MET A 29 -4.53 -7.37 3.57
C MET A 29 -4.23 -6.87 4.98
N VAL A 30 -3.08 -7.27 5.51
CA VAL A 30 -2.67 -6.86 6.85
C VAL A 30 -2.34 -5.37 6.88
N HIS A 31 -1.72 -4.88 5.82
CA HIS A 31 -1.34 -3.47 5.74
C HIS A 31 -2.57 -2.57 5.80
N GLN A 32 -3.50 -2.79 4.88
CA GLN A 32 -4.73 -2.00 4.82
C GLN A 32 -5.22 -1.67 6.23
N ARG A 33 -5.26 -2.68 7.09
CA ARG A 33 -5.71 -2.50 8.47
C ARG A 33 -5.11 -1.24 9.08
N THR A 34 -3.79 -1.10 8.93
CA THR A 34 -3.09 0.06 9.47
C THR A 34 -3.86 1.35 9.20
N HIS A 35 -4.26 1.54 7.95
CA HIS A 35 -5.02 2.73 7.57
C HIS A 35 -6.16 3.00 8.56
N THR A 36 -7.18 2.16 8.49
CA THR A 36 -8.34 2.29 9.38
C THR A 36 -7.95 2.10 10.83
N GLY A 37 -8.10 3.15 11.64
CA GLY A 37 -7.76 3.07 13.05
C GLY A 37 -8.02 4.36 13.78
N GLU A 38 -7.70 5.48 13.15
CA GLU A 38 -7.91 6.79 13.75
C GLU A 38 -9.01 7.56 13.03
N SER A 39 -9.41 8.70 13.59
CA SER A 39 -10.46 9.52 13.01
C SER A 39 -9.96 10.93 12.73
N GLY A 40 -10.46 11.53 11.66
CA GLY A 40 -10.04 12.88 11.30
C GLY A 40 -10.52 13.91 12.28
N PRO A 41 -9.72 14.96 12.48
CA PRO A 41 -10.04 16.05 13.41
C PRO A 41 -11.20 16.91 12.91
N SER A 42 -11.93 17.52 13.82
CA SER A 42 -13.06 18.38 13.48
C SER A 42 -12.72 19.26 12.28
N SER A 43 -13.74 19.82 11.66
CA SER A 43 -13.56 20.70 10.50
C SER A 43 -14.76 21.60 10.30
N GLY A 44 -14.61 22.60 9.43
CA GLY A 44 -15.69 23.52 9.16
C GLY A 44 -15.95 24.47 10.33
N GLY A 1 5.59 16.61 -12.91
CA GLY A 1 5.68 17.50 -14.06
C GLY A 1 5.09 16.88 -15.32
N SER A 2 5.95 16.25 -16.11
CA SER A 2 5.51 15.61 -17.35
C SER A 2 5.03 14.18 -17.09
N SER A 3 4.00 13.77 -17.84
CA SER A 3 3.45 12.43 -17.68
C SER A 3 3.87 11.53 -18.84
N GLY A 4 4.92 10.76 -18.62
CA GLY A 4 5.41 9.86 -19.65
C GLY A 4 5.74 8.48 -19.12
N SER A 5 6.23 7.61 -19.99
CA SER A 5 6.58 6.25 -19.61
C SER A 5 7.26 6.23 -18.24
N SER A 6 7.09 5.14 -17.52
CA SER A 6 7.69 4.99 -16.20
C SER A 6 8.35 3.63 -16.04
N GLY A 7 9.60 3.62 -15.57
CA GLY A 7 10.31 2.37 -15.39
C GLY A 7 9.88 1.63 -14.15
N THR A 8 8.58 1.33 -14.05
CA THR A 8 8.03 0.62 -12.90
C THR A 8 7.32 -0.65 -13.33
N GLY A 9 7.41 -1.69 -12.50
CA GLY A 9 6.76 -2.94 -12.82
C GLY A 9 5.28 -2.93 -12.52
N GLU A 10 4.71 -4.11 -12.31
CA GLU A 10 3.28 -4.22 -12.03
C GLU A 10 2.99 -5.47 -11.20
N LYS A 11 2.53 -5.28 -9.97
CA LYS A 11 2.22 -6.38 -9.08
C LYS A 11 0.71 -6.57 -8.96
N PRO A 12 0.28 -7.82 -8.75
CA PRO A 12 -1.15 -8.16 -8.61
C PRO A 12 -1.74 -7.64 -7.31
N TYR A 13 -0.87 -7.15 -6.43
CA TYR A 13 -1.30 -6.63 -5.13
C TYR A 13 -0.99 -5.14 -5.02
N GLU A 14 -2.03 -4.34 -4.81
CA GLU A 14 -1.86 -2.89 -4.68
C GLU A 14 -2.96 -2.29 -3.80
N CYS A 15 -2.54 -1.47 -2.84
CA CYS A 15 -3.48 -0.84 -1.92
C CYS A 15 -4.55 -0.06 -2.69
N ASN A 16 -5.46 0.56 -1.95
CA ASN A 16 -6.54 1.34 -2.56
C ASN A 16 -6.53 2.77 -2.03
N GLU A 17 -5.97 2.96 -0.85
CA GLU A 17 -5.91 4.28 -0.23
C GLU A 17 -4.60 4.98 -0.58
N CYS A 18 -3.49 4.27 -0.39
CA CYS A 18 -2.18 4.83 -0.67
C CYS A 18 -1.66 4.32 -2.02
N GLN A 19 -2.34 3.33 -2.58
CA GLN A 19 -1.96 2.76 -3.86
C GLN A 19 -0.52 2.24 -3.81
N LYS A 20 -0.24 1.38 -2.84
CA LYS A 20 1.09 0.82 -2.69
C LYS A 20 1.09 -0.67 -3.06
N ALA A 21 2.04 -1.05 -3.91
CA ALA A 21 2.16 -2.43 -4.34
C ALA A 21 2.88 -3.28 -3.30
N PHE A 22 2.51 -4.55 -3.21
CA PHE A 22 3.13 -5.47 -2.25
C PHE A 22 3.51 -6.78 -2.93
N ASN A 23 4.51 -7.46 -2.36
CA ASN A 23 4.97 -8.73 -2.91
C ASN A 23 3.91 -9.81 -2.75
N THR A 24 3.38 -9.93 -1.53
CA THR A 24 2.36 -10.93 -1.24
C THR A 24 1.06 -10.27 -0.79
N LYS A 25 -0.07 -10.91 -1.08
CA LYS A 25 -1.37 -10.39 -0.71
C LYS A 25 -1.49 -10.26 0.80
N SER A 26 -1.16 -11.34 1.51
CA SER A 26 -1.23 -11.35 2.97
C SER A 26 -0.80 -10.01 3.55
N ASN A 27 0.40 -9.57 3.18
CA ASN A 27 0.93 -8.30 3.66
C ASN A 27 -0.03 -7.16 3.35
N LEU A 28 -0.46 -7.09 2.10
CA LEU A 28 -1.38 -6.04 1.66
C LEU A 28 -2.64 -6.03 2.52
N MET A 29 -3.35 -7.15 2.51
CA MET A 29 -4.58 -7.27 3.30
C MET A 29 -4.43 -6.60 4.65
N VAL A 30 -3.37 -6.97 5.37
CA VAL A 30 -3.10 -6.40 6.69
C VAL A 30 -2.75 -4.92 6.59
N HIS A 31 -1.97 -4.57 5.58
CA HIS A 31 -1.56 -3.19 5.38
C HIS A 31 -2.77 -2.30 5.12
N GLN A 32 -3.91 -2.92 4.81
CA GLN A 32 -5.13 -2.18 4.54
C GLN A 32 -5.79 -1.72 5.84
N ARG A 33 -6.17 -2.68 6.67
CA ARG A 33 -6.82 -2.36 7.95
C ARG A 33 -5.90 -1.50 8.82
N THR A 34 -4.61 -1.80 8.79
CA THR A 34 -3.63 -1.05 9.57
C THR A 34 -3.81 0.46 9.38
N HIS A 35 -3.93 0.88 8.13
CA HIS A 35 -4.09 2.29 7.81
C HIS A 35 -4.94 2.99 8.88
N THR A 36 -6.16 2.50 9.07
CA THR A 36 -7.07 3.08 10.05
C THR A 36 -6.45 3.07 11.44
N GLY A 37 -5.96 1.91 11.86
CA GLY A 37 -5.34 1.79 13.17
C GLY A 37 -5.94 0.68 14.01
N GLU A 38 -5.26 0.31 15.08
CA GLU A 38 -5.73 -0.76 15.97
C GLU A 38 -7.20 -0.56 16.30
N SER A 39 -8.06 -1.33 15.64
CA SER A 39 -9.50 -1.23 15.87
C SER A 39 -9.85 -1.68 17.29
N GLY A 40 -10.60 -0.85 18.00
CA GLY A 40 -11.00 -1.18 19.36
C GLY A 40 -12.47 -0.93 19.61
N PRO A 41 -13.02 -1.59 20.65
CA PRO A 41 -14.43 -1.46 21.01
C PRO A 41 -14.75 -0.09 21.59
N SER A 42 -15.69 0.61 20.94
CA SER A 42 -16.10 1.94 21.38
C SER A 42 -16.47 1.93 22.86
N SER A 43 -15.96 2.91 23.60
CA SER A 43 -16.24 3.02 25.02
C SER A 43 -16.36 4.48 25.45
N GLY A 44 -17.40 4.79 26.20
CA GLY A 44 -17.61 6.15 26.66
C GLY A 44 -16.65 6.55 27.76
N GLY A 1 0.03 19.03 -18.12
CA GLY A 1 -0.22 17.80 -18.84
C GLY A 1 1.03 16.97 -19.03
N SER A 2 1.28 16.06 -18.08
CA SER A 2 2.46 15.21 -18.14
C SER A 2 2.05 13.75 -18.37
N SER A 3 3.05 12.89 -18.50
CA SER A 3 2.80 11.47 -18.72
C SER A 3 3.79 10.61 -17.92
N GLY A 4 3.37 9.40 -17.57
CA GLY A 4 4.21 8.50 -16.81
C GLY A 4 4.40 7.16 -17.49
N SER A 5 4.64 7.19 -18.80
CA SER A 5 4.82 5.96 -19.57
C SER A 5 5.84 5.05 -18.89
N SER A 6 7.01 5.60 -18.58
CA SER A 6 8.07 4.83 -17.93
C SER A 6 7.73 4.58 -16.47
N GLY A 7 8.37 3.56 -15.89
CA GLY A 7 8.13 3.23 -14.49
C GLY A 7 8.86 1.98 -14.05
N THR A 8 8.24 1.21 -13.16
CA THR A 8 8.84 -0.02 -12.67
C THR A 8 7.87 -1.18 -12.74
N GLY A 9 8.39 -2.40 -12.61
CA GLY A 9 7.54 -3.58 -12.67
C GLY A 9 6.26 -3.41 -11.89
N GLU A 10 5.16 -3.95 -12.41
CA GLU A 10 3.87 -3.85 -11.75
C GLU A 10 3.60 -5.09 -10.91
N LYS A 11 2.83 -4.91 -9.84
CA LYS A 11 2.50 -6.02 -8.94
C LYS A 11 1.01 -6.31 -8.98
N PRO A 12 0.65 -7.59 -8.82
CA PRO A 12 -0.75 -8.03 -8.84
C PRO A 12 -1.51 -7.56 -7.60
N TYR A 13 -0.79 -7.03 -6.63
CA TYR A 13 -1.38 -6.55 -5.39
C TYR A 13 -1.15 -5.06 -5.21
N GLU A 14 -2.23 -4.29 -5.18
CA GLU A 14 -2.15 -2.84 -5.01
C GLU A 14 -3.14 -2.36 -3.97
N CYS A 15 -2.70 -1.43 -3.12
CA CYS A 15 -3.54 -0.89 -2.06
C CYS A 15 -4.61 0.05 -2.66
N ASN A 16 -5.79 0.03 -2.07
CA ASN A 16 -6.88 0.88 -2.53
C ASN A 16 -7.02 2.12 -1.65
N GLU A 17 -5.96 2.45 -0.93
CA GLU A 17 -5.95 3.61 -0.06
C GLU A 17 -4.75 4.51 -0.34
N CYS A 18 -3.56 3.93 -0.29
CA CYS A 18 -2.33 4.68 -0.54
C CYS A 18 -1.81 4.40 -1.94
N GLN A 19 -2.42 3.43 -2.62
CA GLN A 19 -2.01 3.07 -3.98
C GLN A 19 -0.58 2.53 -3.99
N LYS A 20 -0.29 1.62 -3.07
CA LYS A 20 1.04 1.03 -2.98
C LYS A 20 1.07 -0.35 -3.64
N ALA A 21 2.23 -0.98 -3.63
CA ALA A 21 2.40 -2.30 -4.23
C ALA A 21 3.08 -3.26 -3.26
N PHE A 22 2.61 -4.50 -3.24
CA PHE A 22 3.18 -5.52 -2.35
C PHE A 22 3.45 -6.81 -3.11
N ASN A 23 4.21 -7.70 -2.50
CA ASN A 23 4.54 -8.98 -3.12
C ASN A 23 3.45 -10.03 -2.83
N THR A 24 3.10 -10.17 -1.56
CA THR A 24 2.08 -11.14 -1.15
C THR A 24 0.77 -10.44 -0.84
N LYS A 25 -0.32 -11.20 -0.86
CA LYS A 25 -1.64 -10.66 -0.59
C LYS A 25 -1.84 -10.44 0.91
N SER A 26 -1.42 -11.43 1.71
CA SER A 26 -1.56 -11.35 3.16
C SER A 26 -1.04 -10.02 3.68
N ASN A 27 0.23 -9.72 3.39
CA ASN A 27 0.84 -8.48 3.83
C ASN A 27 -0.05 -7.28 3.48
N LEU A 28 -0.48 -7.21 2.23
CA LEU A 28 -1.33 -6.13 1.77
C LEU A 28 -2.61 -6.04 2.60
N MET A 29 -3.30 -7.18 2.71
CA MET A 29 -4.54 -7.24 3.48
C MET A 29 -4.38 -6.52 4.81
N VAL A 30 -3.39 -6.92 5.58
CA VAL A 30 -3.13 -6.31 6.88
C VAL A 30 -2.71 -4.85 6.73
N HIS A 31 -1.97 -4.55 5.67
CA HIS A 31 -1.52 -3.19 5.42
C HIS A 31 -2.70 -2.27 5.11
N GLN A 32 -3.84 -2.87 4.79
CA GLN A 32 -5.04 -2.10 4.47
C GLN A 32 -5.70 -1.57 5.74
N ARG A 33 -5.97 -2.47 6.67
CA ARG A 33 -6.60 -2.10 7.94
C ARG A 33 -5.66 -1.26 8.79
N THR A 34 -4.38 -1.63 8.79
CA THR A 34 -3.38 -0.92 9.57
C THR A 34 -3.47 0.59 9.34
N HIS A 35 -3.74 0.97 8.09
CA HIS A 35 -3.86 2.38 7.74
C HIS A 35 -4.49 3.18 8.87
N THR A 36 -5.55 2.63 9.46
CA THR A 36 -6.24 3.29 10.56
C THR A 36 -5.59 2.97 11.90
N GLY A 37 -5.23 1.70 12.08
CA GLY A 37 -4.58 1.28 13.31
C GLY A 37 -5.54 0.55 14.23
N GLU A 38 -5.07 0.19 15.42
CA GLU A 38 -5.88 -0.53 16.40
C GLU A 38 -6.53 0.44 17.38
N SER A 39 -7.64 0.01 17.97
CA SER A 39 -8.36 0.85 18.93
C SER A 39 -8.31 2.31 18.52
N GLY A 40 -8.46 2.57 17.23
CA GLY A 40 -8.43 3.94 16.73
C GLY A 40 -9.75 4.65 16.89
N PRO A 41 -10.57 4.64 15.83
CA PRO A 41 -11.89 5.27 15.83
C PRO A 41 -12.89 4.56 16.73
N SER A 42 -13.54 5.31 17.61
CA SER A 42 -14.52 4.75 18.53
C SER A 42 -15.81 5.56 18.53
N SER A 43 -16.74 5.18 17.67
CA SER A 43 -18.02 5.88 17.56
C SER A 43 -19.16 5.01 18.07
N GLY A 44 -19.21 3.77 17.59
CA GLY A 44 -20.26 2.85 18.02
C GLY A 44 -19.96 1.42 17.65
N GLY A 1 21.26 5.58 -1.70
CA GLY A 1 21.12 4.49 -2.65
C GLY A 1 21.22 3.13 -1.98
N SER A 2 20.13 2.37 -2.02
CA SER A 2 20.10 1.05 -1.41
C SER A 2 19.10 0.14 -2.13
N SER A 3 19.14 -1.15 -1.80
CA SER A 3 18.24 -2.12 -2.42
C SER A 3 16.84 -2.03 -1.80
N GLY A 4 15.83 -2.14 -2.65
CA GLY A 4 14.46 -2.06 -2.18
C GLY A 4 13.61 -3.22 -2.67
N SER A 5 13.04 -3.06 -3.86
CA SER A 5 12.20 -4.10 -4.45
C SER A 5 12.27 -4.07 -5.97
N SER A 6 12.22 -5.25 -6.59
CA SER A 6 12.29 -5.36 -8.05
C SER A 6 10.91 -5.12 -8.67
N GLY A 7 10.65 -3.89 -9.08
CA GLY A 7 9.38 -3.56 -9.68
C GLY A 7 9.52 -3.18 -11.15
N THR A 8 9.87 -4.15 -11.98
CA THR A 8 10.04 -3.92 -13.40
C THR A 8 8.71 -3.55 -14.06
N GLY A 9 7.74 -4.45 -13.96
CA GLY A 9 6.44 -4.20 -14.54
C GLY A 9 5.43 -3.68 -13.53
N GLU A 10 4.75 -4.60 -12.86
CA GLU A 10 3.75 -4.22 -11.87
C GLU A 10 3.42 -5.41 -10.95
N LYS A 11 2.91 -5.10 -9.76
CA LYS A 11 2.55 -6.14 -8.80
C LYS A 11 1.06 -6.45 -8.87
N PRO A 12 0.71 -7.73 -8.65
CA PRO A 12 -0.68 -8.18 -8.68
C PRO A 12 -1.49 -7.65 -7.50
N TYR A 13 -0.80 -7.06 -6.54
CA TYR A 13 -1.45 -6.51 -5.34
C TYR A 13 -1.19 -5.02 -5.22
N GLU A 14 -2.27 -4.23 -5.23
CA GLU A 14 -2.16 -2.78 -5.12
C GLU A 14 -3.20 -2.23 -4.15
N CYS A 15 -2.73 -1.55 -3.12
CA CYS A 15 -3.62 -0.97 -2.11
C CYS A 15 -4.61 -0.02 -2.76
N ASN A 16 -5.53 0.53 -1.96
CA ASN A 16 -6.53 1.45 -2.45
C ASN A 16 -6.35 2.84 -1.84
N GLU A 17 -6.11 2.87 -0.52
CA GLU A 17 -5.92 4.14 0.18
C GLU A 17 -4.59 4.78 -0.21
N CYS A 18 -3.51 4.04 -0.05
CA CYS A 18 -2.18 4.53 -0.39
C CYS A 18 -1.82 4.18 -1.83
N GLN A 19 -2.51 3.19 -2.38
CA GLN A 19 -2.25 2.76 -3.75
C GLN A 19 -0.81 2.29 -3.92
N LYS A 20 -0.32 1.55 -2.92
CA LYS A 20 1.05 1.04 -2.96
C LYS A 20 1.09 -0.35 -3.58
N ALA A 21 2.28 -0.93 -3.64
CA ALA A 21 2.46 -2.26 -4.21
C ALA A 21 3.09 -3.21 -3.20
N PHE A 22 2.59 -4.45 -3.16
CA PHE A 22 3.11 -5.45 -2.23
C PHE A 22 3.50 -6.72 -2.97
N ASN A 23 4.37 -7.51 -2.35
CA ASN A 23 4.83 -8.76 -2.95
C ASN A 23 3.76 -9.83 -2.85
N THR A 24 3.20 -10.00 -1.65
CA THR A 24 2.17 -11.00 -1.43
C THR A 24 0.84 -10.34 -1.04
N LYS A 25 -0.25 -11.10 -1.15
CA LYS A 25 -1.56 -10.59 -0.80
C LYS A 25 -1.73 -10.46 0.71
N SER A 26 -1.35 -11.52 1.43
CA SER A 26 -1.46 -11.53 2.88
C SER A 26 -0.94 -10.22 3.47
N ASN A 27 0.21 -9.77 2.97
CA ASN A 27 0.81 -8.53 3.46
C ASN A 27 -0.14 -7.35 3.24
N LEU A 28 -0.69 -7.25 2.04
CA LEU A 28 -1.61 -6.16 1.71
C LEU A 28 -2.81 -6.17 2.65
N MET A 29 -3.57 -7.26 2.63
CA MET A 29 -4.75 -7.37 3.49
C MET A 29 -4.46 -6.85 4.88
N VAL A 30 -3.39 -7.34 5.49
CA VAL A 30 -3.00 -6.92 6.83
C VAL A 30 -2.66 -5.43 6.86
N HIS A 31 -1.90 -5.00 5.86
CA HIS A 31 -1.50 -3.60 5.76
C HIS A 31 -2.72 -2.68 5.74
N GLN A 32 -3.61 -2.90 4.78
CA GLN A 32 -4.81 -2.08 4.65
C GLN A 32 -5.34 -1.67 6.02
N ARG A 33 -5.35 -2.62 6.95
CA ARG A 33 -5.82 -2.36 8.31
C ARG A 33 -5.20 -1.09 8.87
N THR A 34 -3.87 -1.01 8.80
CA THR A 34 -3.14 0.14 9.31
C THR A 34 -3.90 1.44 9.03
N HIS A 35 -4.40 1.58 7.80
CA HIS A 35 -5.15 2.77 7.41
C HIS A 35 -6.29 3.04 8.40
N THR A 36 -7.16 2.06 8.57
CA THR A 36 -8.29 2.20 9.48
C THR A 36 -8.15 1.27 10.68
N GLY A 37 -6.93 1.16 11.21
CA GLY A 37 -6.69 0.31 12.35
C GLY A 37 -5.88 1.00 13.43
N GLU A 38 -5.86 0.39 14.62
CA GLU A 38 -5.13 0.96 15.75
C GLU A 38 -3.70 1.33 15.34
N SER A 39 -2.99 0.35 14.78
CA SER A 39 -1.61 0.57 14.35
C SER A 39 -1.55 1.56 13.18
N GLY A 40 -0.80 2.63 13.36
CA GLY A 40 -0.67 3.63 12.32
C GLY A 40 0.67 4.34 12.35
N PRO A 41 1.69 3.70 11.74
CA PRO A 41 3.05 4.26 11.69
C PRO A 41 3.13 5.49 10.79
N SER A 42 4.13 6.33 11.05
CA SER A 42 4.32 7.55 10.27
C SER A 42 4.28 7.25 8.78
N SER A 43 5.17 6.37 8.33
CA SER A 43 5.25 6.00 6.92
C SER A 43 3.84 5.85 6.33
N GLY A 44 3.58 6.59 5.25
CA GLY A 44 2.28 6.52 4.62
C GLY A 44 2.19 5.40 3.60
N GLY A 1 11.88 19.49 -7.01
CA GLY A 1 12.96 18.91 -7.77
C GLY A 1 12.54 17.66 -8.52
N SER A 2 13.44 16.69 -8.59
CA SER A 2 13.16 15.44 -9.28
C SER A 2 12.38 14.48 -8.39
N SER A 3 11.06 14.47 -8.55
CA SER A 3 10.20 13.61 -7.75
C SER A 3 9.67 12.45 -8.59
N GLY A 4 9.84 11.23 -8.07
CA GLY A 4 9.38 10.05 -8.79
C GLY A 4 10.13 8.80 -8.39
N SER A 5 9.40 7.70 -8.20
CA SER A 5 10.00 6.44 -7.81
C SER A 5 10.46 5.66 -9.04
N SER A 6 11.77 5.39 -9.11
CA SER A 6 12.34 4.66 -10.23
C SER A 6 11.99 3.17 -10.14
N GLY A 7 12.33 2.43 -11.18
CA GLY A 7 12.05 1.01 -11.20
C GLY A 7 10.57 0.71 -11.28
N THR A 8 10.19 -0.22 -12.15
CA THR A 8 8.79 -0.59 -12.32
C THR A 8 8.41 -1.72 -11.38
N GLY A 9 7.63 -1.40 -10.35
CA GLY A 9 7.21 -2.40 -9.40
C GLY A 9 5.79 -2.88 -9.63
N GLU A 10 5.50 -3.24 -10.88
CA GLU A 10 4.16 -3.70 -11.24
C GLU A 10 3.81 -4.99 -10.48
N LYS A 11 3.14 -4.82 -9.34
CA LYS A 11 2.74 -5.96 -8.53
C LYS A 11 1.26 -6.27 -8.70
N PRO A 12 0.90 -7.55 -8.58
CA PRO A 12 -0.49 -8.01 -8.72
C PRO A 12 -1.36 -7.55 -7.57
N TYR A 13 -0.73 -7.02 -6.53
CA TYR A 13 -1.45 -6.56 -5.35
C TYR A 13 -1.19 -5.07 -5.09
N GLU A 14 -2.23 -4.25 -5.22
CA GLU A 14 -2.10 -2.82 -5.02
C GLU A 14 -3.12 -2.33 -3.98
N CYS A 15 -2.80 -1.22 -3.33
CA CYS A 15 -3.68 -0.64 -2.32
C CYS A 15 -4.62 0.40 -2.93
N ASN A 16 -5.91 0.22 -2.75
CA ASN A 16 -6.90 1.14 -3.28
C ASN A 16 -7.11 2.32 -2.33
N GLU A 17 -6.10 2.59 -1.51
CA GLU A 17 -6.17 3.70 -0.56
C GLU A 17 -4.94 4.60 -0.67
N CYS A 18 -3.78 3.97 -0.82
CA CYS A 18 -2.53 4.72 -0.94
C CYS A 18 -1.80 4.34 -2.22
N GLN A 19 -2.35 3.38 -2.96
CA GLN A 19 -1.75 2.93 -4.21
C GLN A 19 -0.36 2.35 -3.97
N LYS A 20 -0.26 1.47 -2.99
CA LYS A 20 1.01 0.83 -2.64
C LYS A 20 1.00 -0.64 -3.07
N ALA A 21 1.94 -1.00 -3.93
CA ALA A 21 2.05 -2.38 -4.40
C ALA A 21 2.70 -3.27 -3.34
N PHE A 22 2.28 -4.53 -3.31
CA PHE A 22 2.82 -5.49 -2.34
C PHE A 22 3.28 -6.76 -3.04
N ASN A 23 3.79 -7.71 -2.27
CA ASN A 23 4.26 -8.98 -2.80
C ASN A 23 3.14 -10.01 -2.83
N THR A 24 2.53 -10.25 -1.68
CA THR A 24 1.44 -11.21 -1.56
C THR A 24 0.19 -10.56 -0.99
N LYS A 25 -0.95 -11.20 -1.20
CA LYS A 25 -2.22 -10.68 -0.70
C LYS A 25 -2.17 -10.47 0.81
N SER A 26 -1.61 -11.44 1.52
CA SER A 26 -1.50 -11.36 2.97
C SER A 26 -0.87 -10.05 3.39
N ASN A 27 0.28 -9.73 2.80
CA ASN A 27 0.99 -8.49 3.11
C ASN A 27 0.07 -7.29 2.98
N LEU A 28 -0.69 -7.24 1.88
CA LEU A 28 -1.62 -6.15 1.62
C LEU A 28 -2.74 -6.13 2.66
N MET A 29 -3.31 -7.30 2.93
CA MET A 29 -4.38 -7.42 3.90
C MET A 29 -3.98 -6.82 5.25
N VAL A 30 -2.78 -7.16 5.69
CA VAL A 30 -2.27 -6.64 6.97
C VAL A 30 -2.09 -5.13 6.92
N HIS A 31 -1.71 -4.63 5.75
CA HIS A 31 -1.49 -3.20 5.58
C HIS A 31 -2.82 -2.43 5.70
N GLN A 32 -3.78 -2.78 4.85
CA GLN A 32 -5.08 -2.13 4.86
C GLN A 32 -5.58 -1.94 6.29
N ARG A 33 -5.07 -2.75 7.21
CA ARG A 33 -5.46 -2.66 8.61
C ARG A 33 -4.81 -1.45 9.27
N THR A 34 -3.51 -1.30 9.09
CA THR A 34 -2.78 -0.18 9.67
C THR A 34 -3.38 1.15 9.25
N HIS A 35 -4.07 1.15 8.11
CA HIS A 35 -4.69 2.37 7.60
C HIS A 35 -5.66 2.95 8.63
N THR A 36 -6.59 2.13 9.09
CA THR A 36 -7.58 2.56 10.08
C THR A 36 -7.51 1.71 11.33
N GLY A 37 -6.30 1.40 11.77
CA GLY A 37 -6.12 0.58 12.96
C GLY A 37 -5.30 1.28 14.03
N GLU A 38 -4.24 1.97 13.60
CA GLU A 38 -3.37 2.69 14.53
C GLU A 38 -4.10 3.88 15.15
N SER A 39 -3.52 4.43 16.21
CA SER A 39 -4.12 5.58 16.89
C SER A 39 -3.86 6.87 16.12
N GLY A 40 -4.87 7.73 16.06
CA GLY A 40 -4.73 8.99 15.36
C GLY A 40 -4.55 10.16 16.29
N PRO A 41 -4.32 11.35 15.73
CA PRO A 41 -4.11 12.58 16.50
C PRO A 41 -5.40 13.05 17.18
N SER A 42 -6.47 12.27 17.03
CA SER A 42 -7.75 12.61 17.62
C SER A 42 -7.71 12.43 19.15
N SER A 43 -8.07 13.48 19.86
CA SER A 43 -8.08 13.43 21.33
C SER A 43 -8.97 12.32 21.84
N GLY A 44 -8.60 11.73 22.97
CA GLY A 44 -9.38 10.65 23.54
C GLY A 44 -8.52 9.56 24.15
N GLY A 1 15.73 -3.32 -1.42
CA GLY A 1 16.97 -2.82 -2.01
C GLY A 1 16.74 -1.56 -2.84
N SER A 2 17.83 -0.95 -3.28
CA SER A 2 17.76 0.26 -4.09
C SER A 2 18.68 0.17 -5.29
N SER A 3 18.12 -0.20 -6.44
CA SER A 3 18.88 -0.33 -7.67
C SER A 3 17.97 -0.40 -8.89
N GLY A 4 18.29 0.39 -9.91
CA GLY A 4 17.48 0.41 -11.11
C GLY A 4 16.16 1.12 -10.92
N SER A 5 15.80 1.98 -11.87
CA SER A 5 14.56 2.73 -11.79
C SER A 5 13.36 1.85 -12.17
N SER A 6 13.46 1.21 -13.32
CA SER A 6 12.38 0.34 -13.81
C SER A 6 12.58 -1.09 -13.31
N GLY A 7 11.56 -1.63 -12.65
CA GLY A 7 11.64 -2.98 -12.13
C GLY A 7 10.33 -3.46 -11.55
N THR A 8 10.29 -3.65 -10.24
CA THR A 8 9.09 -4.11 -9.55
C THR A 8 8.05 -2.99 -9.46
N GLY A 9 6.87 -3.25 -10.01
CA GLY A 9 5.80 -2.27 -9.98
C GLY A 9 4.47 -2.83 -10.43
N GLU A 10 4.51 -3.74 -11.39
CA GLU A 10 3.29 -4.36 -11.91
C GLU A 10 2.90 -5.57 -11.08
N LYS A 11 2.83 -5.39 -9.76
CA LYS A 11 2.47 -6.47 -8.86
C LYS A 11 0.95 -6.66 -8.81
N PRO A 12 0.51 -7.92 -8.68
CA PRO A 12 -0.91 -8.25 -8.62
C PRO A 12 -1.57 -7.79 -7.32
N TYR A 13 -0.77 -7.19 -6.45
CA TYR A 13 -1.27 -6.70 -5.17
C TYR A 13 -0.99 -5.20 -5.01
N GLU A 14 -2.07 -4.41 -5.00
CA GLU A 14 -1.94 -2.97 -4.86
C GLU A 14 -3.00 -2.42 -3.90
N CYS A 15 -2.60 -1.47 -3.06
CA CYS A 15 -3.51 -0.87 -2.11
C CYS A 15 -4.57 -0.03 -2.81
N ASN A 16 -5.45 0.60 -2.03
CA ASN A 16 -6.51 1.42 -2.58
C ASN A 16 -6.48 2.83 -1.97
N GLU A 17 -6.10 2.89 -0.69
CA GLU A 17 -6.03 4.17 0.01
C GLU A 17 -4.75 4.92 -0.35
N CYS A 18 -3.61 4.24 -0.20
CA CYS A 18 -2.32 4.82 -0.51
C CYS A 18 -1.88 4.47 -1.92
N GLN A 19 -2.46 3.42 -2.48
CA GLN A 19 -2.12 2.98 -3.82
C GLN A 19 -0.68 2.49 -3.90
N LYS A 20 -0.32 1.58 -3.00
CA LYS A 20 1.02 1.03 -2.97
C LYS A 20 1.08 -0.34 -3.63
N ALA A 21 2.24 -0.97 -3.59
CA ALA A 21 2.43 -2.29 -4.18
C ALA A 21 3.07 -3.26 -3.20
N PHE A 22 2.61 -4.51 -3.22
CA PHE A 22 3.14 -5.53 -2.32
C PHE A 22 3.41 -6.83 -3.07
N ASN A 23 4.42 -7.57 -2.64
CA ASN A 23 4.78 -8.83 -3.27
C ASN A 23 3.77 -9.91 -2.94
N THR A 24 3.36 -9.96 -1.67
CA THR A 24 2.39 -10.96 -1.21
C THR A 24 1.03 -10.32 -0.97
N LYS A 25 0.00 -11.15 -0.82
CA LYS A 25 -1.35 -10.66 -0.57
C LYS A 25 -1.57 -10.40 0.91
N SER A 26 -1.30 -11.41 1.74
CA SER A 26 -1.47 -11.29 3.18
C SER A 26 -0.90 -9.97 3.69
N ASN A 27 0.18 -9.53 3.06
CA ASN A 27 0.83 -8.28 3.45
C ASN A 27 -0.07 -7.08 3.15
N LEU A 28 -0.68 -7.10 1.97
CA LEU A 28 -1.57 -6.01 1.57
C LEU A 28 -2.82 -5.98 2.44
N MET A 29 -3.58 -7.07 2.44
CA MET A 29 -4.79 -7.16 3.23
C MET A 29 -4.55 -6.65 4.65
N VAL A 30 -3.41 -7.01 5.22
CA VAL A 30 -3.07 -6.58 6.58
C VAL A 30 -2.57 -5.13 6.59
N HIS A 31 -2.00 -4.71 5.46
CA HIS A 31 -1.49 -3.35 5.34
C HIS A 31 -2.63 -2.34 5.18
N GLN A 32 -3.80 -2.84 4.80
CA GLN A 32 -4.97 -1.98 4.60
C GLN A 32 -5.64 -1.69 5.94
N ARG A 33 -5.80 -2.73 6.75
CA ARG A 33 -6.44 -2.58 8.06
C ARG A 33 -5.63 -1.63 8.95
N THR A 34 -4.32 -1.66 8.80
CA THR A 34 -3.44 -0.81 9.59
C THR A 34 -3.76 0.67 9.35
N HIS A 35 -3.90 1.05 8.09
CA HIS A 35 -4.21 2.42 7.73
C HIS A 35 -5.11 3.08 8.77
N THR A 36 -6.25 2.45 9.02
CA THR A 36 -7.21 2.97 10.00
C THR A 36 -6.81 2.55 11.42
N GLY A 37 -7.20 3.37 12.40
CA GLY A 37 -6.89 3.07 13.78
C GLY A 37 -6.70 4.32 14.62
N GLU A 38 -7.38 4.38 15.76
CA GLU A 38 -7.30 5.53 16.64
C GLU A 38 -6.75 5.12 18.00
N SER A 39 -5.43 5.14 18.15
CA SER A 39 -4.79 4.76 19.40
C SER A 39 -5.23 5.68 20.54
N GLY A 40 -5.87 5.10 21.54
CA GLY A 40 -6.35 5.87 22.68
C GLY A 40 -6.24 5.11 23.98
N PRO A 41 -5.04 5.14 24.59
CA PRO A 41 -4.78 4.45 25.86
C PRO A 41 -5.49 5.12 27.03
N SER A 42 -6.22 4.32 27.81
CA SER A 42 -6.95 4.83 28.95
C SER A 42 -6.72 3.95 30.18
N SER A 43 -6.47 4.58 31.32
CA SER A 43 -6.23 3.85 32.56
C SER A 43 -4.94 3.04 32.47
N GLY A 44 -3.90 3.64 31.91
CA GLY A 44 -2.62 2.96 31.77
C GLY A 44 -1.44 3.91 31.85
N GLY A 1 -0.38 6.16 -32.55
CA GLY A 1 0.79 5.41 -32.95
C GLY A 1 2.07 6.03 -32.43
N SER A 2 2.25 6.01 -31.11
CA SER A 2 3.44 6.58 -30.49
C SER A 2 4.63 5.63 -30.63
N SER A 3 5.78 6.20 -30.98
CA SER A 3 7.00 5.40 -31.15
C SER A 3 7.82 5.38 -29.86
N GLY A 4 8.19 4.18 -29.43
CA GLY A 4 8.98 4.04 -28.22
C GLY A 4 8.56 2.85 -27.39
N SER A 5 9.34 1.77 -27.45
CA SER A 5 9.04 0.57 -26.70
C SER A 5 9.02 0.85 -25.20
N SER A 6 8.10 0.19 -24.49
CA SER A 6 7.97 0.36 -23.05
C SER A 6 7.92 -0.98 -22.34
N GLY A 7 7.99 -0.94 -21.01
CA GLY A 7 7.94 -2.17 -20.23
C GLY A 7 7.92 -1.91 -18.74
N THR A 8 6.86 -2.35 -18.08
CA THR A 8 6.72 -2.15 -16.64
C THR A 8 6.22 -3.42 -15.95
N GLY A 9 6.86 -3.78 -14.85
CA GLY A 9 6.46 -4.97 -14.12
C GLY A 9 5.52 -4.67 -12.98
N GLU A 10 4.33 -4.18 -13.31
CA GLU A 10 3.34 -3.84 -12.30
C GLU A 10 3.07 -5.03 -11.38
N LYS A 11 2.97 -4.76 -10.08
CA LYS A 11 2.72 -5.81 -9.10
C LYS A 11 1.25 -6.22 -9.12
N PRO A 12 1.00 -7.52 -8.90
CA PRO A 12 -0.36 -8.07 -8.89
C PRO A 12 -1.16 -7.62 -7.66
N TYR A 13 -0.47 -6.99 -6.72
CA TYR A 13 -1.11 -6.51 -5.50
C TYR A 13 -0.88 -5.01 -5.33
N GLU A 14 -1.98 -4.27 -5.10
CA GLU A 14 -1.90 -2.84 -4.92
C GLU A 14 -3.00 -2.35 -3.98
N CYS A 15 -2.64 -1.43 -3.08
CA CYS A 15 -3.60 -0.89 -2.12
C CYS A 15 -4.62 0.01 -2.82
N ASN A 16 -5.55 0.56 -2.05
CA ASN A 16 -6.58 1.43 -2.59
C ASN A 16 -6.47 2.84 -2.00
N GLU A 17 -6.07 2.91 -0.73
CA GLU A 17 -5.93 4.19 -0.05
C GLU A 17 -4.63 4.88 -0.45
N CYS A 18 -3.52 4.14 -0.35
CA CYS A 18 -2.22 4.67 -0.69
C CYS A 18 -1.75 4.13 -2.04
N GLN A 19 -2.43 3.10 -2.53
CA GLN A 19 -2.09 2.49 -3.81
C GLN A 19 -0.66 1.95 -3.79
N LYS A 20 -0.31 1.27 -2.71
CA LYS A 20 1.02 0.69 -2.56
C LYS A 20 1.03 -0.77 -3.00
N ALA A 21 2.16 -1.22 -3.54
CA ALA A 21 2.30 -2.59 -4.00
C ALA A 21 2.82 -3.49 -2.88
N PHE A 22 2.41 -4.75 -2.91
CA PHE A 22 2.82 -5.71 -1.89
C PHE A 22 3.20 -7.05 -2.54
N ASN A 23 4.34 -7.59 -2.13
CA ASN A 23 4.82 -8.87 -2.67
C ASN A 23 3.68 -9.87 -2.74
N THR A 24 3.02 -10.11 -1.62
CA THR A 24 1.91 -11.05 -1.55
C THR A 24 0.64 -10.37 -1.08
N LYS A 25 -0.46 -11.12 -1.10
CA LYS A 25 -1.75 -10.58 -0.67
C LYS A 25 -1.77 -10.34 0.83
N SER A 26 -1.54 -11.41 1.60
CA SER A 26 -1.53 -11.29 3.06
C SER A 26 -0.96 -9.96 3.50
N ASN A 27 0.24 -9.65 3.03
CA ASN A 27 0.90 -8.39 3.39
C ASN A 27 -0.03 -7.20 3.14
N LEU A 28 -0.61 -7.15 1.95
CA LEU A 28 -1.52 -6.06 1.59
C LEU A 28 -2.75 -6.07 2.49
N MET A 29 -3.31 -7.25 2.71
CA MET A 29 -4.50 -7.40 3.56
C MET A 29 -4.25 -6.80 4.93
N VAL A 30 -3.21 -7.29 5.62
CA VAL A 30 -2.89 -6.79 6.94
C VAL A 30 -2.58 -5.30 6.91
N HIS A 31 -2.07 -4.82 5.78
CA HIS A 31 -1.74 -3.42 5.63
C HIS A 31 -2.99 -2.55 5.61
N GLN A 32 -4.01 -3.02 4.90
CA GLN A 32 -5.27 -2.30 4.80
C GLN A 32 -5.76 -1.86 6.18
N ARG A 33 -5.40 -2.63 7.19
CA ARG A 33 -5.79 -2.33 8.57
C ARG A 33 -5.06 -1.09 9.09
N THR A 34 -3.75 -1.06 8.88
CA THR A 34 -2.93 0.06 9.33
C THR A 34 -3.53 1.38 8.88
N HIS A 35 -4.42 1.33 7.90
CA HIS A 35 -5.06 2.52 7.37
C HIS A 35 -6.19 2.99 8.28
N THR A 36 -7.23 2.15 8.39
CA THR A 36 -8.37 2.47 9.23
C THR A 36 -8.07 2.23 10.70
N GLY A 37 -7.86 3.31 11.44
CA GLY A 37 -7.55 3.20 12.86
C GLY A 37 -7.74 4.50 13.59
N GLU A 38 -6.90 4.74 14.60
CA GLU A 38 -6.98 5.97 15.39
C GLU A 38 -5.62 6.64 15.50
N SER A 39 -4.66 5.94 16.08
CA SER A 39 -3.31 6.46 16.24
C SER A 39 -2.29 5.61 15.50
N GLY A 40 -1.60 6.23 14.54
CA GLY A 40 -0.61 5.51 13.76
C GLY A 40 0.65 5.22 14.56
N PRO A 41 1.76 4.98 13.84
CA PRO A 41 3.05 4.68 14.47
C PRO A 41 3.65 5.89 15.18
N SER A 42 2.91 7.00 15.17
CA SER A 42 3.37 8.23 15.81
C SER A 42 4.79 8.58 15.36
N SER A 43 5.02 8.48 14.06
CA SER A 43 6.34 8.78 13.50
C SER A 43 6.29 10.05 12.66
N GLY A 44 7.46 10.60 12.37
CA GLY A 44 7.53 11.82 11.58
C GLY A 44 8.59 11.74 10.50
N GLY A 1 2.43 19.36 -15.25
CA GLY A 1 3.42 19.48 -14.20
C GLY A 1 4.66 18.64 -14.47
N SER A 2 4.69 17.44 -13.88
CA SER A 2 5.82 16.53 -14.06
C SER A 2 5.34 15.14 -14.44
N SER A 3 6.25 14.34 -14.99
CA SER A 3 5.93 12.98 -15.41
C SER A 3 7.06 12.02 -15.06
N GLY A 4 6.78 10.73 -15.16
CA GLY A 4 7.79 9.72 -14.86
C GLY A 4 7.62 8.46 -15.68
N SER A 5 6.54 7.73 -15.42
CA SER A 5 6.26 6.49 -16.14
C SER A 5 4.88 5.95 -15.78
N SER A 6 4.19 5.40 -16.77
CA SER A 6 2.85 4.85 -16.58
C SER A 6 2.92 3.41 -16.08
N GLY A 7 2.72 3.23 -14.78
CA GLY A 7 2.76 1.89 -14.21
C GLY A 7 3.08 1.91 -12.73
N THR A 8 2.07 2.22 -11.92
CA THR A 8 2.25 2.27 -10.47
C THR A 8 3.18 1.16 -9.98
N GLY A 9 2.89 -0.07 -10.41
CA GLY A 9 3.70 -1.20 -10.01
C GLY A 9 3.44 -2.44 -10.85
N GLU A 10 4.44 -3.31 -10.96
CA GLU A 10 4.30 -4.53 -11.74
C GLU A 10 3.89 -5.70 -10.85
N LYS A 11 2.97 -5.44 -9.92
CA LYS A 11 2.50 -6.48 -9.01
C LYS A 11 0.97 -6.55 -9.02
N PRO A 12 0.44 -7.78 -8.90
CA PRO A 12 -1.01 -8.02 -8.89
C PRO A 12 -1.68 -7.49 -7.63
N TYR A 13 -0.86 -7.03 -6.69
CA TYR A 13 -1.38 -6.50 -5.43
C TYR A 13 -1.11 -5.00 -5.32
N GLU A 14 -2.17 -4.24 -5.01
CA GLU A 14 -2.06 -2.80 -4.88
C GLU A 14 -3.16 -2.24 -3.99
N CYS A 15 -2.78 -1.37 -3.05
CA CYS A 15 -3.74 -0.77 -2.13
C CYS A 15 -4.69 0.16 -2.88
N ASN A 16 -5.61 0.77 -2.14
CA ASN A 16 -6.58 1.68 -2.72
C ASN A 16 -6.43 3.08 -2.16
N GLU A 17 -6.25 3.17 -0.84
CA GLU A 17 -6.10 4.45 -0.18
C GLU A 17 -4.72 5.04 -0.45
N CYS A 18 -3.68 4.25 -0.20
CA CYS A 18 -2.30 4.68 -0.42
C CYS A 18 -1.80 4.22 -1.78
N GLN A 19 -2.53 3.30 -2.40
CA GLN A 19 -2.16 2.77 -3.70
C GLN A 19 -0.72 2.27 -3.70
N LYS A 20 -0.41 1.39 -2.75
CA LYS A 20 0.94 0.83 -2.64
C LYS A 20 0.94 -0.65 -3.00
N ALA A 21 1.82 -1.04 -3.91
CA ALA A 21 1.93 -2.43 -4.33
C ALA A 21 2.70 -3.25 -3.32
N PHE A 22 2.40 -4.54 -3.23
CA PHE A 22 3.08 -5.43 -2.30
C PHE A 22 3.53 -6.72 -3.00
N ASN A 23 4.25 -7.55 -2.27
CA ASN A 23 4.75 -8.81 -2.83
C ASN A 23 3.64 -9.87 -2.85
N THR A 24 2.98 -10.04 -1.71
CA THR A 24 1.90 -11.01 -1.60
C THR A 24 0.63 -10.37 -1.06
N LYS A 25 -0.49 -11.09 -1.15
CA LYS A 25 -1.76 -10.60 -0.66
C LYS A 25 -1.77 -10.49 0.86
N SER A 26 -1.51 -11.61 1.52
CA SER A 26 -1.49 -11.64 2.99
C SER A 26 -0.85 -10.38 3.54
N ASN A 27 0.30 -10.00 2.98
CA ASN A 27 1.01 -8.81 3.42
C ASN A 27 0.15 -7.56 3.24
N LEU A 28 -0.38 -7.39 2.04
CA LEU A 28 -1.22 -6.24 1.73
C LEU A 28 -2.42 -6.17 2.67
N MET A 29 -3.12 -7.30 2.81
CA MET A 29 -4.28 -7.37 3.67
C MET A 29 -3.99 -6.75 5.04
N VAL A 30 -2.98 -7.29 5.72
CA VAL A 30 -2.59 -6.81 7.04
C VAL A 30 -2.30 -5.31 6.99
N HIS A 31 -1.74 -4.85 5.88
CA HIS A 31 -1.41 -3.43 5.72
C HIS A 31 -2.68 -2.59 5.64
N GLN A 32 -3.49 -2.85 4.62
CA GLN A 32 -4.73 -2.11 4.43
C GLN A 32 -5.36 -1.74 5.76
N ARG A 33 -5.31 -2.67 6.72
CA ARG A 33 -5.87 -2.44 8.05
C ARG A 33 -5.27 -1.20 8.68
N THR A 34 -3.94 -1.14 8.74
CA THR A 34 -3.25 -0.01 9.32
C THR A 34 -3.97 1.30 9.03
N HIS A 35 -4.42 1.45 7.79
CA HIS A 35 -5.14 2.65 7.38
C HIS A 35 -6.31 2.94 8.31
N THR A 36 -7.11 1.90 8.58
CA THR A 36 -8.26 2.04 9.46
C THR A 36 -7.95 2.95 10.64
N GLY A 37 -6.69 2.98 11.04
CA GLY A 37 -6.28 3.81 12.16
C GLY A 37 -5.46 5.02 11.73
N GLU A 38 -6.12 5.97 11.07
CA GLU A 38 -5.44 7.17 10.61
C GLU A 38 -6.29 8.42 10.88
N SER A 39 -5.63 9.55 11.02
CA SER A 39 -6.32 10.81 11.29
C SER A 39 -6.00 11.84 10.21
N GLY A 40 -6.95 12.74 9.96
CA GLY A 40 -6.75 13.77 8.96
C GLY A 40 -8.02 14.54 8.65
N PRO A 41 -7.88 15.71 8.02
CA PRO A 41 -9.02 16.55 7.65
C PRO A 41 -9.86 15.95 6.54
N SER A 42 -9.40 14.82 6.00
CA SER A 42 -10.11 14.13 4.93
C SER A 42 -11.58 13.95 5.28
N SER A 43 -12.46 14.24 4.33
CA SER A 43 -13.89 14.12 4.54
C SER A 43 -14.65 14.16 3.21
N GLY A 44 -15.43 13.12 2.94
CA GLY A 44 -16.19 13.08 1.71
C GLY A 44 -16.36 11.65 1.19
N GLY A 1 18.76 14.45 2.43
CA GLY A 1 18.57 14.49 0.99
C GLY A 1 17.87 13.25 0.47
N SER A 2 16.60 13.41 0.09
CA SER A 2 15.82 12.29 -0.43
C SER A 2 15.17 12.65 -1.77
N SER A 3 15.19 11.71 -2.71
CA SER A 3 14.60 11.93 -4.02
C SER A 3 13.44 10.97 -4.27
N GLY A 4 13.73 9.68 -4.25
CA GLY A 4 12.69 8.68 -4.47
C GLY A 4 13.02 7.76 -5.64
N SER A 5 12.81 6.46 -5.43
CA SER A 5 13.08 5.48 -6.47
C SER A 5 11.79 4.81 -6.94
N SER A 6 11.91 3.95 -7.94
CA SER A 6 10.76 3.24 -8.49
C SER A 6 11.19 2.11 -9.41
N GLY A 7 10.62 0.92 -9.19
CA GLY A 7 10.96 -0.23 -10.00
C GLY A 7 10.10 -0.35 -11.23
N THR A 8 10.73 -0.43 -12.40
CA THR A 8 10.00 -0.55 -13.66
C THR A 8 9.19 -1.84 -13.71
N GLY A 9 7.87 -1.71 -13.55
CA GLY A 9 7.01 -2.87 -13.59
C GLY A 9 5.75 -2.67 -12.76
N GLU A 10 5.26 -3.75 -12.16
CA GLU A 10 4.06 -3.69 -11.34
C GLU A 10 3.88 -4.97 -10.53
N LYS A 11 2.90 -4.98 -9.64
CA LYS A 11 2.63 -6.14 -8.80
C LYS A 11 1.15 -6.50 -8.85
N PRO A 12 0.85 -7.79 -8.63
CA PRO A 12 -0.53 -8.30 -8.64
C PRO A 12 -1.33 -7.82 -7.44
N TYR A 13 -0.64 -7.21 -6.48
CA TYR A 13 -1.29 -6.71 -5.28
C TYR A 13 -1.05 -5.21 -5.12
N GLU A 14 -2.13 -4.46 -4.91
CA GLU A 14 -2.05 -3.01 -4.75
C GLU A 14 -3.06 -2.53 -3.71
N CYS A 15 -2.68 -1.49 -2.97
CA CYS A 15 -3.54 -0.92 -1.95
C CYS A 15 -4.69 -0.13 -2.58
N ASN A 16 -5.54 0.45 -1.73
CA ASN A 16 -6.66 1.23 -2.20
C ASN A 16 -6.61 2.66 -1.68
N GLU A 17 -6.11 2.82 -0.45
CA GLU A 17 -6.00 4.14 0.16
C GLU A 17 -4.75 4.85 -0.33
N CYS A 18 -3.60 4.17 -0.23
CA CYS A 18 -2.33 4.74 -0.66
C CYS A 18 -1.99 4.29 -2.08
N GLN A 19 -2.62 3.22 -2.52
CA GLN A 19 -2.39 2.68 -3.86
C GLN A 19 -0.94 2.21 -4.01
N LYS A 20 -0.49 1.41 -3.05
CA LYS A 20 0.88 0.89 -3.07
C LYS A 20 0.90 -0.57 -3.48
N ALA A 21 1.89 -0.95 -4.28
CA ALA A 21 2.02 -2.33 -4.74
C ALA A 21 2.80 -3.17 -3.73
N PHE A 22 2.44 -4.45 -3.63
CA PHE A 22 3.11 -5.36 -2.70
C PHE A 22 3.47 -6.68 -3.39
N ASN A 23 4.08 -7.58 -2.64
CA ASN A 23 4.47 -8.88 -3.18
C ASN A 23 3.40 -9.94 -2.89
N THR A 24 3.00 -10.04 -1.63
CA THR A 24 2.00 -11.00 -1.22
C THR A 24 0.72 -10.31 -0.78
N LYS A 25 -0.37 -11.07 -0.72
CA LYS A 25 -1.67 -10.52 -0.31
C LYS A 25 -1.73 -10.37 1.20
N SER A 26 -1.52 -11.47 1.92
CA SER A 26 -1.58 -11.46 3.37
C SER A 26 -0.90 -10.20 3.93
N ASN A 27 0.13 -9.74 3.23
CA ASN A 27 0.87 -8.55 3.65
C ASN A 27 0.07 -7.28 3.33
N LEU A 28 -0.56 -7.26 2.17
CA LEU A 28 -1.35 -6.11 1.75
C LEU A 28 -2.64 -6.02 2.55
N MET A 29 -3.40 -7.11 2.58
CA MET A 29 -4.65 -7.13 3.32
C MET A 29 -4.50 -6.48 4.69
N VAL A 30 -3.39 -6.77 5.36
CA VAL A 30 -3.11 -6.22 6.68
C VAL A 30 -2.62 -4.78 6.58
N HIS A 31 -1.95 -4.47 5.47
CA HIS A 31 -1.42 -3.13 5.24
C HIS A 31 -2.55 -2.15 4.92
N GLN A 32 -3.71 -2.68 4.55
CA GLN A 32 -4.87 -1.86 4.22
C GLN A 32 -5.61 -1.45 5.49
N ARG A 33 -5.90 -2.43 6.35
CA ARG A 33 -6.62 -2.16 7.58
C ARG A 33 -5.73 -1.43 8.59
N THR A 34 -4.46 -1.84 8.67
CA THR A 34 -3.52 -1.23 9.58
C THR A 34 -3.50 0.29 9.42
N HIS A 35 -3.67 0.75 8.18
CA HIS A 35 -3.67 2.17 7.89
C HIS A 35 -4.31 2.96 9.03
N THR A 36 -5.42 2.46 9.55
CA THR A 36 -6.13 3.12 10.64
C THR A 36 -5.46 2.83 11.98
N GLY A 37 -5.30 3.87 12.78
CA GLY A 37 -4.66 3.71 14.08
C GLY A 37 -4.22 5.03 14.67
N GLU A 38 -3.22 5.65 14.05
CA GLU A 38 -2.70 6.92 14.53
C GLU A 38 -3.76 8.03 14.41
N SER A 39 -4.46 8.28 15.51
CA SER A 39 -5.50 9.31 15.52
C SER A 39 -5.21 10.36 16.58
N GLY A 40 -4.39 11.36 16.22
CA GLY A 40 -4.05 12.41 17.14
C GLY A 40 -4.53 13.76 16.68
N PRO A 41 -3.80 14.38 15.74
CA PRO A 41 -4.13 15.69 15.19
C PRO A 41 -5.39 15.65 14.33
N SER A 42 -5.80 16.82 13.83
CA SER A 42 -6.99 16.91 12.99
C SER A 42 -7.01 15.80 11.95
N SER A 43 -8.02 14.94 12.02
CA SER A 43 -8.15 13.84 11.08
C SER A 43 -9.46 13.09 11.31
N GLY A 44 -10.41 13.28 10.41
CA GLY A 44 -11.70 12.62 10.53
C GLY A 44 -11.84 11.44 9.59
N GLY A 1 9.43 19.29 -12.05
CA GLY A 1 10.87 19.44 -12.05
C GLY A 1 11.59 18.11 -12.06
N SER A 2 11.08 17.17 -12.86
CA SER A 2 11.68 15.85 -12.96
C SER A 2 11.17 15.11 -14.19
N SER A 3 11.97 14.16 -14.68
CA SER A 3 11.60 13.38 -15.86
C SER A 3 10.61 12.29 -15.50
N GLY A 4 11.04 11.36 -14.64
CA GLY A 4 10.18 10.27 -14.22
C GLY A 4 10.87 8.93 -14.30
N SER A 5 11.92 8.76 -13.50
CA SER A 5 12.67 7.51 -13.47
C SER A 5 12.31 6.68 -12.25
N SER A 6 11.01 6.63 -11.94
CA SER A 6 10.54 5.87 -10.78
C SER A 6 9.05 5.56 -10.92
N GLY A 7 8.62 4.44 -10.34
CA GLY A 7 7.23 4.05 -10.40
C GLY A 7 7.04 2.67 -11.00
N THR A 8 7.80 1.70 -10.50
CA THR A 8 7.71 0.33 -10.99
C THR A 8 6.76 -0.50 -10.13
N GLY A 9 5.49 -0.52 -10.49
CA GLY A 9 4.51 -1.28 -9.75
C GLY A 9 3.89 -2.40 -10.57
N GLU A 10 4.66 -3.47 -10.75
CA GLU A 10 4.19 -4.61 -11.54
C GLU A 10 3.74 -5.74 -10.62
N LYS A 11 3.01 -5.39 -9.56
CA LYS A 11 2.53 -6.38 -8.60
C LYS A 11 1.02 -6.59 -8.75
N PRO A 12 0.58 -7.84 -8.56
CA PRO A 12 -0.84 -8.19 -8.67
C PRO A 12 -1.67 -7.62 -7.53
N TYR A 13 -0.99 -7.01 -6.56
CA TYR A 13 -1.68 -6.42 -5.40
C TYR A 13 -1.40 -4.92 -5.33
N GLU A 14 -2.46 -4.13 -5.41
CA GLU A 14 -2.34 -2.68 -5.34
C GLU A 14 -3.34 -2.10 -4.34
N CYS A 15 -2.82 -1.45 -3.30
CA CYS A 15 -3.66 -0.85 -2.27
C CYS A 15 -4.67 0.09 -2.89
N ASN A 16 -5.49 0.72 -2.04
CA ASN A 16 -6.51 1.66 -2.50
C ASN A 16 -6.26 3.05 -1.94
N GLU A 17 -6.17 3.15 -0.62
CA GLU A 17 -5.93 4.44 0.03
C GLU A 17 -4.61 5.04 -0.43
N CYS A 18 -3.52 4.30 -0.25
CA CYS A 18 -2.21 4.77 -0.64
C CYS A 18 -1.88 4.35 -2.06
N GLN A 19 -2.54 3.30 -2.53
CA GLN A 19 -2.32 2.80 -3.89
C GLN A 19 -0.89 2.30 -4.06
N LYS A 20 -0.39 1.57 -3.08
CA LYS A 20 0.97 1.03 -3.13
C LYS A 20 0.99 -0.34 -3.78
N ALA A 21 2.17 -0.97 -3.79
CA ALA A 21 2.32 -2.29 -4.38
C ALA A 21 3.00 -3.25 -3.41
N PHE A 22 2.50 -4.47 -3.33
CA PHE A 22 3.07 -5.48 -2.44
C PHE A 22 3.40 -6.76 -3.20
N ASN A 23 4.20 -7.62 -2.57
CA ASN A 23 4.59 -8.88 -3.19
C ASN A 23 3.52 -9.95 -2.97
N THR A 24 3.06 -10.08 -1.73
CA THR A 24 2.05 -11.06 -1.40
C THR A 24 0.78 -10.38 -0.88
N LYS A 25 -0.35 -11.08 -1.01
CA LYS A 25 -1.63 -10.55 -0.56
C LYS A 25 -1.65 -10.39 0.96
N SER A 26 -1.29 -11.46 1.67
CA SER A 26 -1.28 -11.44 3.13
C SER A 26 -0.73 -10.11 3.64
N ASN A 27 0.43 -9.71 3.13
CA ASN A 27 1.06 -8.46 3.55
C ASN A 27 0.12 -7.29 3.32
N LEU A 28 -0.50 -7.25 2.14
CA LEU A 28 -1.42 -6.17 1.80
C LEU A 28 -2.60 -6.14 2.77
N MET A 29 -3.25 -7.29 2.93
CA MET A 29 -4.39 -7.39 3.84
C MET A 29 -4.13 -6.65 5.14
N VAL A 30 -3.04 -7.01 5.81
CA VAL A 30 -2.67 -6.37 7.07
C VAL A 30 -2.37 -4.89 6.87
N HIS A 31 -1.77 -4.56 5.74
CA HIS A 31 -1.44 -3.17 5.44
C HIS A 31 -2.69 -2.35 5.19
N GLN A 32 -3.74 -3.01 4.70
CA GLN A 32 -5.01 -2.34 4.43
C GLN A 32 -5.71 -1.94 5.72
N ARG A 33 -5.79 -2.88 6.66
CA ARG A 33 -6.44 -2.62 7.94
C ARG A 33 -5.67 -1.57 8.74
N THR A 34 -4.36 -1.77 8.83
CA THR A 34 -3.51 -0.85 9.57
C THR A 34 -3.86 0.61 9.26
N HIS A 35 -3.98 0.91 7.96
CA HIS A 35 -4.32 2.26 7.53
C HIS A 35 -5.28 2.92 8.52
N THR A 36 -6.37 2.24 8.83
CA THR A 36 -7.36 2.76 9.76
C THR A 36 -7.73 1.73 10.82
N GLY A 37 -7.41 2.03 12.07
CA GLY A 37 -7.72 1.12 13.16
C GLY A 37 -8.28 1.83 14.38
N GLU A 38 -7.38 2.29 15.24
CA GLU A 38 -7.77 2.99 16.45
C GLU A 38 -8.34 4.37 16.12
N SER A 39 -9.01 4.97 17.11
CA SER A 39 -9.61 6.28 16.92
C SER A 39 -8.60 7.39 17.22
N GLY A 40 -8.41 8.29 16.26
CA GLY A 40 -7.47 9.38 16.43
C GLY A 40 -7.47 10.33 15.26
N PRO A 41 -6.54 10.13 14.31
CA PRO A 41 -6.41 10.96 13.12
C PRO A 41 -7.57 10.77 12.15
N SER A 42 -8.31 11.85 11.90
CA SER A 42 -9.45 11.80 11.00
C SER A 42 -9.02 12.14 9.57
N SER A 43 -9.90 11.86 8.61
CA SER A 43 -9.62 12.14 7.21
C SER A 43 -10.80 12.84 6.55
N GLY A 44 -10.79 14.17 6.58
CA GLY A 44 -11.86 14.94 5.98
C GLY A 44 -12.43 15.97 6.93
N GLY A 1 12.23 8.17 8.56
CA GLY A 1 11.44 7.55 7.51
C GLY A 1 12.28 7.19 6.31
N SER A 2 11.66 7.24 5.13
CA SER A 2 12.35 6.90 3.89
C SER A 2 11.62 7.50 2.68
N SER A 3 12.37 8.17 1.82
CA SER A 3 11.80 8.79 0.63
C SER A 3 11.38 7.74 -0.38
N GLY A 4 10.06 7.62 -0.59
CA GLY A 4 9.56 6.64 -1.53
C GLY A 4 9.66 7.11 -2.96
N SER A 5 10.58 6.51 -3.71
CA SER A 5 10.79 6.87 -5.10
C SER A 5 10.16 5.84 -6.04
N SER A 6 10.00 6.22 -7.31
CA SER A 6 9.41 5.33 -8.29
C SER A 6 10.08 3.96 -8.29
N GLY A 7 9.34 2.94 -7.86
CA GLY A 7 9.89 1.60 -7.81
C GLY A 7 8.80 0.54 -7.81
N THR A 8 7.95 0.57 -8.82
CA THR A 8 6.87 -0.40 -8.92
C THR A 8 7.19 -1.48 -9.96
N GLY A 9 6.69 -2.69 -9.71
CA GLY A 9 6.93 -3.79 -10.63
C GLY A 9 5.66 -4.46 -11.08
N GLU A 10 4.70 -3.68 -11.57
CA GLU A 10 3.42 -4.21 -12.03
C GLU A 10 2.95 -5.34 -11.11
N LYS A 11 3.10 -5.13 -9.81
CA LYS A 11 2.69 -6.13 -8.82
C LYS A 11 1.20 -6.44 -8.97
N PRO A 12 0.84 -7.72 -8.73
CA PRO A 12 -0.55 -8.17 -8.83
C PRO A 12 -1.43 -7.60 -7.71
N TYR A 13 -0.79 -6.99 -6.72
CA TYR A 13 -1.51 -6.40 -5.60
C TYR A 13 -1.19 -4.91 -5.46
N GLU A 14 -2.22 -4.12 -5.19
CA GLU A 14 -2.05 -2.68 -5.02
C GLU A 14 -3.16 -2.10 -4.16
N CYS A 15 -2.76 -1.46 -3.05
CA CYS A 15 -3.72 -0.85 -2.13
C CYS A 15 -4.66 0.10 -2.88
N ASN A 16 -5.56 0.72 -2.13
CA ASN A 16 -6.52 1.66 -2.72
C ASN A 16 -6.32 3.07 -2.16
N GLU A 17 -6.21 3.16 -0.83
CA GLU A 17 -6.02 4.45 -0.18
C GLU A 17 -4.64 5.02 -0.50
N CYS A 18 -3.61 4.24 -0.22
CA CYS A 18 -2.24 4.67 -0.47
C CYS A 18 -1.77 4.22 -1.85
N GLN A 19 -2.42 3.18 -2.38
CA GLN A 19 -2.07 2.65 -3.68
C GLN A 19 -0.62 2.17 -3.72
N LYS A 20 -0.25 1.34 -2.75
CA LYS A 20 1.10 0.81 -2.67
C LYS A 20 1.15 -0.66 -3.03
N ALA A 21 2.00 -1.02 -3.98
CA ALA A 21 2.14 -2.40 -4.42
C ALA A 21 2.86 -3.24 -3.38
N PHE A 22 2.41 -4.47 -3.19
CA PHE A 22 3.01 -5.38 -2.22
C PHE A 22 3.50 -6.66 -2.89
N ASN A 23 4.21 -7.49 -2.14
CA ASN A 23 4.74 -8.74 -2.67
C ASN A 23 3.63 -9.79 -2.77
N THR A 24 2.92 -10.00 -1.68
CA THR A 24 1.84 -10.98 -1.65
C THR A 24 0.56 -10.36 -1.08
N LYS A 25 -0.53 -11.12 -1.15
CA LYS A 25 -1.82 -10.65 -0.65
C LYS A 25 -1.82 -10.58 0.87
N SER A 26 -1.49 -11.70 1.50
CA SER A 26 -1.46 -11.77 2.97
C SER A 26 -0.87 -10.49 3.55
N ASN A 27 0.28 -10.08 3.03
CA ASN A 27 0.94 -8.87 3.50
C ASN A 27 0.06 -7.65 3.30
N LEU A 28 -0.50 -7.51 2.10
CA LEU A 28 -1.37 -6.39 1.77
C LEU A 28 -2.56 -6.33 2.73
N MET A 29 -3.26 -7.45 2.87
CA MET A 29 -4.41 -7.53 3.75
C MET A 29 -4.11 -6.91 5.11
N VAL A 30 -3.04 -7.41 5.75
CA VAL A 30 -2.64 -6.90 7.06
C VAL A 30 -2.32 -5.41 7.00
N HIS A 31 -1.76 -4.97 5.87
CA HIS A 31 -1.41 -3.56 5.69
C HIS A 31 -2.67 -2.69 5.70
N GLN A 32 -3.60 -3.01 4.81
CA GLN A 32 -4.84 -2.25 4.72
C GLN A 32 -5.29 -1.76 6.09
N ARG A 33 -5.27 -2.66 7.07
CA ARG A 33 -5.67 -2.32 8.43
C ARG A 33 -5.09 -0.97 8.85
N THR A 34 -3.77 -0.83 8.71
CA THR A 34 -3.10 0.40 9.09
C THR A 34 -3.96 1.61 8.77
N HIS A 35 -4.64 1.58 7.64
CA HIS A 35 -5.51 2.68 7.22
C HIS A 35 -6.71 2.80 8.15
N THR A 36 -7.40 1.68 8.37
CA THR A 36 -8.56 1.67 9.24
C THR A 36 -8.34 0.77 10.44
N GLY A 37 -8.39 1.37 11.63
CA GLY A 37 -8.18 0.61 12.86
C GLY A 37 -7.18 1.27 13.79
N GLU A 38 -5.90 0.97 13.57
CA GLU A 38 -4.84 1.53 14.41
C GLU A 38 -3.79 2.22 13.55
N SER A 39 -3.05 3.15 14.15
CA SER A 39 -2.00 3.89 13.45
C SER A 39 -1.04 4.54 14.43
N GLY A 40 0.25 4.37 14.18
CA GLY A 40 1.26 4.95 15.05
C GLY A 40 1.33 6.46 14.93
N PRO A 41 2.46 7.04 15.37
CA PRO A 41 2.68 8.49 15.32
C PRO A 41 2.86 8.99 13.89
N SER A 42 2.74 8.09 12.92
CA SER A 42 2.90 8.44 11.52
C SER A 42 2.16 9.73 11.20
N SER A 43 2.89 10.85 11.24
CA SER A 43 2.30 12.15 10.95
C SER A 43 1.75 12.19 9.53
N GLY A 44 0.46 12.51 9.41
CA GLY A 44 -0.17 12.58 8.11
C GLY A 44 -1.65 12.30 8.17
N GLY A 1 22.21 -17.31 -21.81
CA GLY A 1 23.08 -16.27 -21.30
C GLY A 1 22.46 -15.48 -20.18
N SER A 2 21.97 -14.27 -20.48
CA SER A 2 21.34 -13.43 -19.49
C SER A 2 20.18 -14.14 -18.80
N SER A 3 19.66 -13.52 -17.75
CA SER A 3 18.55 -14.11 -17.00
C SER A 3 17.31 -13.21 -17.09
N GLY A 4 17.49 -11.94 -16.74
CA GLY A 4 16.38 -11.00 -16.79
C GLY A 4 15.81 -10.72 -15.40
N SER A 5 16.22 -9.59 -14.82
CA SER A 5 15.74 -9.21 -13.50
C SER A 5 14.58 -8.23 -13.60
N SER A 6 13.47 -8.58 -12.96
CA SER A 6 12.28 -7.72 -12.98
C SER A 6 12.66 -6.26 -12.88
N GLY A 7 12.19 -5.46 -13.84
CA GLY A 7 12.50 -4.04 -13.84
C GLY A 7 11.51 -3.24 -13.00
N THR A 8 10.37 -2.91 -13.60
CA THR A 8 9.34 -2.14 -12.91
C THR A 8 8.71 -2.95 -11.79
N GLY A 9 8.12 -2.26 -10.82
CA GLY A 9 7.48 -2.93 -9.71
C GLY A 9 5.98 -3.04 -9.88
N GLU A 10 5.55 -3.87 -10.82
CA GLU A 10 4.13 -4.05 -11.08
C GLU A 10 3.62 -5.35 -10.45
N LYS A 11 3.21 -5.26 -9.19
CA LYS A 11 2.70 -6.43 -8.47
C LYS A 11 1.21 -6.63 -8.74
N PRO A 12 0.75 -7.87 -8.61
CA PRO A 12 -0.65 -8.24 -8.84
C PRO A 12 -1.56 -7.68 -7.75
N TYR A 13 -0.97 -7.12 -6.70
CA TYR A 13 -1.74 -6.56 -5.59
C TYR A 13 -1.39 -5.08 -5.39
N GLU A 14 -2.42 -4.26 -5.24
CA GLU A 14 -2.23 -2.83 -5.04
C GLU A 14 -3.26 -2.27 -4.07
N CYS A 15 -2.81 -1.48 -3.11
CA CYS A 15 -3.69 -0.88 -2.12
C CYS A 15 -4.62 0.13 -2.76
N ASN A 16 -5.81 0.29 -2.20
CA ASN A 16 -6.80 1.23 -2.72
C ASN A 16 -6.89 2.47 -1.83
N GLU A 17 -5.99 2.56 -0.85
CA GLU A 17 -5.97 3.69 0.07
C GLU A 17 -4.69 4.50 -0.11
N CYS A 18 -3.57 3.80 -0.21
CA CYS A 18 -2.28 4.47 -0.37
C CYS A 18 -1.75 4.29 -1.79
N GLN A 19 -2.38 3.40 -2.55
CA GLN A 19 -1.98 3.13 -3.93
C GLN A 19 -0.56 2.59 -3.99
N LYS A 20 -0.29 1.60 -3.15
CA LYS A 20 1.04 0.97 -3.10
C LYS A 20 1.00 -0.43 -3.71
N ALA A 21 2.15 -1.09 -3.72
CA ALA A 21 2.26 -2.43 -4.26
C ALA A 21 2.82 -3.40 -3.22
N PHE A 22 2.28 -4.62 -3.19
CA PHE A 22 2.72 -5.64 -2.25
C PHE A 22 3.05 -6.94 -2.97
N ASN A 23 4.24 -7.48 -2.69
CA ASN A 23 4.68 -8.72 -3.31
C ASN A 23 3.59 -9.78 -3.24
N THR A 24 3.00 -9.93 -2.05
CA THR A 24 1.93 -10.91 -1.85
C THR A 24 0.65 -10.24 -1.38
N LYS A 25 -0.42 -11.02 -1.30
CA LYS A 25 -1.71 -10.51 -0.86
C LYS A 25 -1.75 -10.35 0.65
N SER A 26 -1.50 -11.44 1.37
CA SER A 26 -1.50 -11.42 2.82
C SER A 26 -0.95 -10.10 3.36
N ASN A 27 0.22 -9.72 2.86
CA ASN A 27 0.86 -8.48 3.28
C ASN A 27 -0.08 -7.29 3.10
N LEU A 28 -0.67 -7.19 1.92
CA LEU A 28 -1.60 -6.10 1.61
C LEU A 28 -2.77 -6.10 2.58
N MET A 29 -3.48 -7.22 2.65
CA MET A 29 -4.63 -7.36 3.54
C MET A 29 -4.31 -6.81 4.92
N VAL A 30 -3.24 -7.32 5.52
CA VAL A 30 -2.83 -6.88 6.85
C VAL A 30 -2.51 -5.39 6.86
N HIS A 31 -1.68 -4.96 5.92
CA HIS A 31 -1.30 -3.55 5.83
C HIS A 31 -2.53 -2.65 5.86
N GLN A 32 -3.49 -2.94 4.99
CA GLN A 32 -4.72 -2.15 4.93
C GLN A 32 -5.15 -1.70 6.32
N ARG A 33 -5.14 -2.63 7.27
CA ARG A 33 -5.53 -2.32 8.63
C ARG A 33 -4.96 -0.98 9.08
N THR A 34 -3.64 -0.83 8.95
CA THR A 34 -2.97 0.41 9.33
C THR A 34 -3.83 1.63 9.01
N HIS A 35 -4.35 1.68 7.79
CA HIS A 35 -5.19 2.78 7.36
C HIS A 35 -6.42 2.92 8.25
N THR A 36 -7.13 1.81 8.44
CA THR A 36 -8.34 1.79 9.27
C THR A 36 -7.97 1.65 10.74
N GLY A 37 -6.91 2.33 11.15
CA GLY A 37 -6.49 2.27 12.54
C GLY A 37 -5.18 3.01 12.78
N GLU A 38 -5.11 4.25 12.29
CA GLU A 38 -3.91 5.06 12.46
C GLU A 38 -4.25 6.40 13.11
N SER A 39 -3.60 6.68 14.23
CA SER A 39 -3.84 7.93 14.96
C SER A 39 -2.68 8.90 14.75
N GLY A 40 -2.73 9.64 13.65
CA GLY A 40 -1.68 10.60 13.36
C GLY A 40 -1.43 10.75 11.87
N PRO A 41 -0.44 10.00 11.36
CA PRO A 41 -0.09 10.03 9.94
C PRO A 41 -1.15 9.40 9.05
N SER A 42 -1.69 10.20 8.13
CA SER A 42 -2.73 9.72 7.22
C SER A 42 -2.28 9.85 5.77
N SER A 43 -1.99 8.72 5.14
CA SER A 43 -1.54 8.70 3.75
C SER A 43 -0.32 9.58 3.57
N GLY A 44 0.62 9.51 4.51
CA GLY A 44 1.83 10.30 4.44
C GLY A 44 3.00 9.51 3.89
N GLY A 1 16.46 12.35 -10.33
CA GLY A 1 16.62 11.01 -9.82
C GLY A 1 15.29 10.36 -9.47
N SER A 2 14.47 10.10 -10.49
CA SER A 2 13.18 9.48 -10.30
C SER A 2 12.69 8.82 -11.57
N SER A 3 12.42 7.51 -11.49
CA SER A 3 11.94 6.76 -12.64
C SER A 3 10.59 6.11 -12.35
N GLY A 4 9.83 5.83 -13.41
CA GLY A 4 8.53 5.21 -13.25
C GLY A 4 8.63 3.84 -12.61
N SER A 5 7.48 3.26 -12.28
CA SER A 5 7.43 1.95 -11.65
C SER A 5 8.18 0.92 -12.49
N SER A 6 9.06 0.17 -11.85
CA SER A 6 9.84 -0.86 -12.53
C SER A 6 9.90 -2.15 -11.72
N GLY A 7 9.78 -3.28 -12.41
CA GLY A 7 9.82 -4.56 -11.73
C GLY A 7 8.74 -5.51 -12.23
N THR A 8 9.07 -6.31 -13.24
CA THR A 8 8.12 -7.26 -13.80
C THR A 8 6.75 -6.62 -13.99
N GLY A 9 6.73 -5.37 -14.44
CA GLY A 9 5.49 -4.66 -14.65
C GLY A 9 4.91 -4.12 -13.36
N GLU A 10 3.61 -4.35 -13.16
CA GLU A 10 2.93 -3.87 -11.96
C GLU A 10 2.50 -5.04 -11.07
N LYS A 11 2.82 -4.95 -9.79
CA LYS A 11 2.47 -6.00 -8.84
C LYS A 11 0.96 -6.26 -8.85
N PRO A 12 0.57 -7.53 -8.67
CA PRO A 12 -0.84 -7.93 -8.66
C PRO A 12 -1.56 -7.44 -7.41
N TYR A 13 -0.82 -6.82 -6.50
CA TYR A 13 -1.39 -6.30 -5.27
C TYR A 13 -1.17 -4.79 -5.15
N GLU A 14 -2.24 -4.03 -5.37
CA GLU A 14 -2.16 -2.58 -5.29
C GLU A 14 -3.19 -2.03 -4.31
N CYS A 15 -2.73 -1.24 -3.35
CA CYS A 15 -3.60 -0.65 -2.35
C CYS A 15 -4.49 0.43 -2.96
N ASN A 16 -5.80 0.28 -2.78
CA ASN A 16 -6.76 1.24 -3.32
C ASN A 16 -6.93 2.43 -2.37
N GLU A 17 -5.92 2.67 -1.53
CA GLU A 17 -5.97 3.76 -0.58
C GLU A 17 -4.69 4.60 -0.66
N CYS A 18 -3.55 3.92 -0.67
CA CYS A 18 -2.26 4.60 -0.74
C CYS A 18 -1.52 4.23 -2.02
N GLN A 19 -2.10 3.33 -2.80
CA GLN A 19 -1.50 2.89 -4.05
C GLN A 19 -0.10 2.31 -3.81
N LYS A 20 0.02 1.49 -2.78
CA LYS A 20 1.30 0.87 -2.44
C LYS A 20 1.33 -0.59 -2.86
N ALA A 21 2.22 -0.92 -3.77
CA ALA A 21 2.35 -2.29 -4.26
C ALA A 21 3.08 -3.16 -3.24
N PHE A 22 2.70 -4.44 -3.19
CA PHE A 22 3.32 -5.38 -2.26
C PHE A 22 3.74 -6.66 -2.98
N ASN A 23 4.32 -7.59 -2.23
CA ASN A 23 4.78 -8.86 -2.79
C ASN A 23 3.75 -9.95 -2.57
N THR A 24 3.24 -10.04 -1.34
CA THR A 24 2.25 -11.05 -0.99
C THR A 24 0.93 -10.40 -0.61
N LYS A 25 -0.17 -11.08 -0.93
CA LYS A 25 -1.50 -10.58 -0.62
C LYS A 25 -1.69 -10.43 0.88
N SER A 26 -1.45 -11.51 1.62
CA SER A 26 -1.59 -11.50 3.07
C SER A 26 -1.08 -10.18 3.65
N ASN A 27 0.18 -9.86 3.35
CA ASN A 27 0.78 -8.62 3.85
C ASN A 27 -0.07 -7.41 3.47
N LEU A 28 -0.50 -7.37 2.22
CA LEU A 28 -1.32 -6.26 1.73
C LEU A 28 -2.60 -6.12 2.57
N MET A 29 -3.32 -7.22 2.71
CA MET A 29 -4.56 -7.21 3.48
C MET A 29 -4.36 -6.54 4.84
N VAL A 30 -3.47 -7.10 5.65
CA VAL A 30 -3.18 -6.55 6.96
C VAL A 30 -2.71 -5.10 6.86
N HIS A 31 -1.92 -4.81 5.84
CA HIS A 31 -1.41 -3.46 5.62
C HIS A 31 -2.55 -2.46 5.46
N GLN A 32 -3.66 -2.93 4.90
CA GLN A 32 -4.82 -2.09 4.69
C GLN A 32 -5.61 -1.91 5.98
N ARG A 33 -5.36 -2.78 6.95
CA ARG A 33 -6.06 -2.73 8.23
C ARG A 33 -5.47 -1.64 9.11
N THR A 34 -4.14 -1.53 9.12
CA THR A 34 -3.46 -0.53 9.92
C THR A 34 -3.87 0.88 9.52
N HIS A 35 -4.23 1.04 8.25
CA HIS A 35 -4.65 2.35 7.74
C HIS A 35 -5.61 3.02 8.70
N THR A 36 -6.65 2.28 9.10
CA THR A 36 -7.66 2.82 10.01
C THR A 36 -7.23 2.63 11.46
N GLY A 37 -7.38 3.69 12.26
CA GLY A 37 -7.01 3.62 13.67
C GLY A 37 -5.64 4.23 13.93
N GLU A 38 -4.90 3.64 14.87
CA GLU A 38 -3.57 4.14 15.21
C GLU A 38 -2.52 3.59 14.25
N SER A 39 -2.04 4.46 13.36
CA SER A 39 -1.03 4.07 12.38
C SER A 39 0.36 4.51 12.83
N GLY A 40 0.98 3.69 13.67
CA GLY A 40 2.31 4.00 14.16
C GLY A 40 2.44 5.45 14.62
N PRO A 41 3.68 5.92 14.73
CA PRO A 41 3.96 7.29 15.16
C PRO A 41 3.56 8.33 14.11
N SER A 42 4.01 8.11 12.87
CA SER A 42 3.70 9.02 11.77
C SER A 42 2.33 8.69 11.17
N SER A 43 1.47 9.69 11.11
CA SER A 43 0.13 9.51 10.55
C SER A 43 0.19 9.31 9.05
N GLY A 44 -0.06 8.08 8.61
CA GLY A 44 -0.03 7.77 7.19
C GLY A 44 0.98 6.71 6.85
N GLY A 1 17.40 16.39 -9.07
CA GLY A 1 16.23 17.24 -9.15
C GLY A 1 14.95 16.47 -8.98
N SER A 2 14.12 16.46 -10.02
CA SER A 2 12.84 15.76 -9.97
C SER A 2 12.63 14.93 -11.24
N SER A 3 11.93 13.81 -11.09
CA SER A 3 11.66 12.92 -12.22
C SER A 3 10.52 11.96 -11.90
N GLY A 4 9.37 12.16 -12.53
CA GLY A 4 8.23 11.30 -12.30
C GLY A 4 8.61 9.84 -12.26
N SER A 5 7.85 9.04 -11.51
CA SER A 5 8.11 7.62 -11.38
C SER A 5 8.02 6.93 -12.75
N SER A 6 8.89 5.95 -12.96
CA SER A 6 8.92 5.21 -14.22
C SER A 6 9.43 3.79 -14.01
N GLY A 7 8.69 2.82 -14.54
CA GLY A 7 9.09 1.42 -14.40
C GLY A 7 8.22 0.49 -15.22
N THR A 8 8.56 -0.79 -15.22
CA THR A 8 7.81 -1.79 -15.97
C THR A 8 7.09 -2.75 -15.04
N GLY A 9 7.85 -3.44 -14.20
CA GLY A 9 7.26 -4.38 -13.25
C GLY A 9 6.09 -3.79 -12.50
N GLU A 10 5.10 -4.62 -12.21
CA GLU A 10 3.92 -4.18 -11.49
C GLU A 10 3.27 -5.34 -10.74
N LYS A 11 3.26 -5.25 -9.41
CA LYS A 11 2.67 -6.29 -8.58
C LYS A 11 1.17 -6.37 -8.79
N PRO A 12 0.62 -7.59 -8.73
CA PRO A 12 -0.81 -7.84 -8.92
C PRO A 12 -1.64 -7.31 -7.76
N TYR A 13 -0.97 -6.84 -6.72
CA TYR A 13 -1.64 -6.31 -5.54
C TYR A 13 -1.32 -4.83 -5.35
N GLU A 14 -2.37 -4.02 -5.24
CA GLU A 14 -2.20 -2.58 -5.04
C GLU A 14 -3.28 -2.02 -4.12
N CYS A 15 -2.86 -1.34 -3.07
CA CYS A 15 -3.78 -0.76 -2.10
C CYS A 15 -4.66 0.29 -2.77
N ASN A 16 -5.96 0.22 -2.51
CA ASN A 16 -6.91 1.16 -3.08
C ASN A 16 -7.04 2.41 -2.20
N GLU A 17 -6.04 2.64 -1.37
CA GLU A 17 -6.03 3.79 -0.47
C GLU A 17 -4.76 4.61 -0.64
N CYS A 18 -3.61 3.95 -0.49
CA CYS A 18 -2.33 4.61 -0.62
C CYS A 18 -1.67 4.27 -1.97
N GLN A 19 -2.26 3.32 -2.68
CA GLN A 19 -1.74 2.90 -3.97
C GLN A 19 -0.34 2.34 -3.84
N LYS A 20 -0.13 1.52 -2.81
CA LYS A 20 1.16 0.90 -2.57
C LYS A 20 1.15 -0.58 -2.92
N ALA A 21 2.06 -0.98 -3.80
CA ALA A 21 2.15 -2.38 -4.23
C ALA A 21 2.78 -3.25 -3.14
N PHE A 22 2.40 -4.51 -3.10
CA PHE A 22 2.93 -5.44 -2.11
C PHE A 22 3.36 -6.74 -2.77
N ASN A 23 4.29 -7.45 -2.13
CA ASN A 23 4.79 -8.72 -2.66
C ASN A 23 3.66 -9.73 -2.80
N THR A 24 2.91 -9.93 -1.73
CA THR A 24 1.80 -10.87 -1.73
C THR A 24 0.55 -10.26 -1.11
N LYS A 25 -0.60 -10.89 -1.34
CA LYS A 25 -1.86 -10.40 -0.80
C LYS A 25 -1.84 -10.40 0.72
N SER A 26 -1.54 -11.55 1.30
CA SER A 26 -1.49 -11.69 2.76
C SER A 26 -0.84 -10.44 3.39
N ASN A 27 0.21 -9.95 2.76
CA ASN A 27 0.91 -8.77 3.26
C ASN A 27 0.04 -7.53 3.14
N LEU A 28 -0.61 -7.38 2.00
CA LEU A 28 -1.49 -6.22 1.75
C LEU A 28 -2.65 -6.21 2.74
N MET A 29 -3.34 -7.33 2.86
CA MET A 29 -4.48 -7.44 3.77
C MET A 29 -4.12 -6.88 5.14
N VAL A 30 -3.02 -7.36 5.72
CA VAL A 30 -2.57 -6.90 7.02
C VAL A 30 -2.28 -5.40 7.01
N HIS A 31 -1.65 -4.93 5.94
CA HIS A 31 -1.31 -3.52 5.81
C HIS A 31 -2.57 -2.66 5.84
N GLN A 32 -3.48 -2.90 4.90
CA GLN A 32 -4.73 -2.14 4.83
C GLN A 32 -5.23 -1.80 6.23
N ARG A 33 -5.13 -2.75 7.15
CA ARG A 33 -5.57 -2.53 8.52
C ARG A 33 -5.06 -1.21 9.07
N THR A 34 -3.75 -0.98 8.92
CA THR A 34 -3.12 0.24 9.39
C THR A 34 -4.01 1.45 9.12
N HIS A 35 -4.38 1.64 7.85
CA HIS A 35 -5.23 2.76 7.46
C HIS A 35 -6.31 3.01 8.50
N THR A 36 -7.23 2.05 8.65
CA THR A 36 -8.31 2.17 9.62
C THR A 36 -7.78 2.25 11.04
N GLY A 37 -8.35 3.15 11.83
CA GLY A 37 -7.92 3.31 13.21
C GLY A 37 -6.80 4.33 13.35
N GLU A 38 -5.57 3.83 13.54
CA GLU A 38 -4.42 4.71 13.69
C GLU A 38 -3.70 4.89 12.36
N SER A 39 -4.09 5.92 11.62
CA SER A 39 -3.48 6.22 10.33
C SER A 39 -2.00 6.53 10.49
N GLY A 40 -1.16 5.57 10.11
CA GLY A 40 0.28 5.77 10.22
C GLY A 40 0.81 6.71 9.17
N PRO A 41 1.84 7.49 9.53
CA PRO A 41 2.47 8.46 8.62
C PRO A 41 3.25 7.79 7.50
N SER A 42 4.03 6.77 7.85
CA SER A 42 4.83 6.05 6.87
C SER A 42 4.02 5.77 5.61
N SER A 43 2.97 4.96 5.75
CA SER A 43 2.11 4.61 4.63
C SER A 43 1.34 5.83 4.13
N GLY A 44 1.18 5.93 2.82
CA GLY A 44 0.46 7.04 2.24
C GLY A 44 0.75 7.21 0.75
N GLY A 1 3.95 20.48 -10.87
CA GLY A 1 4.19 19.65 -12.04
C GLY A 1 4.26 18.18 -11.69
N SER A 2 4.02 17.33 -12.68
CA SER A 2 4.06 15.88 -12.47
C SER A 2 5.49 15.38 -12.45
N SER A 3 5.83 14.58 -11.43
CA SER A 3 7.16 14.04 -11.29
C SER A 3 7.12 12.66 -10.64
N GLY A 4 8.25 11.95 -10.68
CA GLY A 4 8.32 10.63 -10.08
C GLY A 4 9.35 9.75 -10.76
N SER A 5 9.40 8.49 -10.36
CA SER A 5 10.35 7.54 -10.92
C SER A 5 9.85 6.98 -12.26
N SER A 6 10.58 7.31 -13.33
CA SER A 6 10.20 6.85 -14.66
C SER A 6 10.60 5.39 -14.86
N GLY A 7 9.72 4.49 -14.45
CA GLY A 7 10.00 3.07 -14.59
C GLY A 7 8.73 2.22 -14.58
N THR A 8 8.67 1.26 -15.49
CA THR A 8 7.50 0.38 -15.58
C THR A 8 7.41 -0.54 -14.36
N GLY A 9 6.23 -0.57 -13.75
CA GLY A 9 6.02 -1.40 -12.58
C GLY A 9 4.58 -1.88 -12.45
N GLU A 10 4.41 -3.17 -12.23
CA GLU A 10 3.07 -3.75 -12.10
C GLU A 10 3.08 -4.90 -11.09
N LYS A 11 2.06 -4.94 -10.24
CA LYS A 11 1.95 -5.99 -9.23
C LYS A 11 0.50 -6.39 -9.01
N PRO A 12 0.26 -7.68 -8.77
CA PRO A 12 -1.08 -8.22 -8.54
C PRO A 12 -1.67 -7.76 -7.21
N TYR A 13 -0.83 -7.14 -6.38
CA TYR A 13 -1.27 -6.65 -5.08
C TYR A 13 -0.97 -5.17 -4.93
N GLU A 14 -2.03 -4.38 -4.76
CA GLU A 14 -1.88 -2.94 -4.60
C GLU A 14 -2.98 -2.36 -3.70
N CYS A 15 -2.60 -1.48 -2.79
CA CYS A 15 -3.55 -0.86 -1.88
C CYS A 15 -4.52 0.04 -2.64
N ASN A 16 -5.45 0.65 -1.90
CA ASN A 16 -6.44 1.54 -2.50
C ASN A 16 -6.22 2.98 -2.04
N GLU A 17 -6.06 3.15 -0.73
CA GLU A 17 -5.84 4.48 -0.16
C GLU A 17 -4.46 5.00 -0.52
N CYS A 18 -3.43 4.21 -0.21
CA CYS A 18 -2.06 4.59 -0.49
C CYS A 18 -1.63 4.11 -1.87
N GLN A 19 -2.34 3.11 -2.39
CA GLN A 19 -2.04 2.55 -3.70
C GLN A 19 -0.59 2.06 -3.76
N LYS A 20 -0.20 1.31 -2.73
CA LYS A 20 1.16 0.76 -2.66
C LYS A 20 1.17 -0.72 -3.02
N ALA A 21 2.16 -1.12 -3.81
CA ALA A 21 2.29 -2.52 -4.22
C ALA A 21 2.99 -3.34 -3.15
N PHE A 22 2.69 -4.64 -3.11
CA PHE A 22 3.29 -5.53 -2.13
C PHE A 22 3.78 -6.82 -2.80
N ASN A 23 4.59 -7.59 -2.07
CA ASN A 23 5.12 -8.84 -2.60
C ASN A 23 4.07 -9.95 -2.55
N THR A 24 3.36 -10.03 -1.43
CA THR A 24 2.32 -11.04 -1.27
C THR A 24 0.97 -10.40 -0.95
N LYS A 25 -0.09 -11.19 -1.08
CA LYS A 25 -1.44 -10.70 -0.81
C LYS A 25 -1.67 -10.56 0.69
N SER A 26 -1.30 -11.59 1.45
CA SER A 26 -1.47 -11.58 2.89
C SER A 26 -0.83 -10.33 3.51
N ASN A 27 0.19 -9.81 2.84
CA ASN A 27 0.89 -8.62 3.32
C ASN A 27 0.05 -7.37 3.07
N LEU A 28 -0.72 -7.38 1.99
CA LEU A 28 -1.56 -6.23 1.65
C LEU A 28 -2.82 -6.21 2.51
N MET A 29 -3.51 -7.34 2.58
CA MET A 29 -4.72 -7.45 3.38
C MET A 29 -4.49 -6.92 4.79
N VAL A 30 -3.38 -7.33 5.40
CA VAL A 30 -3.05 -6.89 6.76
C VAL A 30 -2.65 -5.41 6.78
N HIS A 31 -1.92 -5.00 5.74
CA HIS A 31 -1.47 -3.61 5.64
C HIS A 31 -2.67 -2.66 5.58
N GLN A 32 -3.57 -2.90 4.64
CA GLN A 32 -4.75 -2.06 4.48
C GLN A 32 -5.32 -1.65 5.84
N ARG A 33 -5.38 -2.61 6.75
CA ARG A 33 -5.92 -2.35 8.09
C ARG A 33 -5.34 -1.05 8.66
N THR A 34 -4.01 -0.96 8.68
CA THR A 34 -3.34 0.23 9.19
C THR A 34 -4.13 1.49 8.86
N HIS A 35 -4.50 1.63 7.60
CA HIS A 35 -5.25 2.79 7.15
C HIS A 35 -6.49 3.02 8.02
N THR A 36 -7.35 2.00 8.09
CA THR A 36 -8.56 2.07 8.88
C THR A 36 -8.26 1.91 10.36
N GLY A 37 -8.73 2.87 11.17
CA GLY A 37 -8.50 2.80 12.60
C GLY A 37 -9.35 3.80 13.36
N GLU A 38 -9.19 5.08 13.05
CA GLU A 38 -9.96 6.14 13.72
C GLU A 38 -11.17 6.55 12.88
N SER A 39 -12.30 5.91 13.13
CA SER A 39 -13.52 6.21 12.40
C SER A 39 -14.64 6.60 13.35
N GLY A 40 -14.65 7.87 13.75
CA GLY A 40 -15.67 8.35 14.67
C GLY A 40 -15.15 8.53 16.08
N PRO A 41 -16.08 8.53 17.05
CA PRO A 41 -15.74 8.67 18.47
C PRO A 41 -15.00 7.46 19.03
N SER A 42 -14.89 6.42 18.20
CA SER A 42 -14.22 5.19 18.61
C SER A 42 -12.74 5.45 18.88
N SER A 43 -12.21 4.82 19.94
CA SER A 43 -10.82 4.99 20.31
C SER A 43 -9.95 3.96 19.59
N GLY A 44 -9.04 4.46 18.75
CA GLY A 44 -8.15 3.59 18.01
C GLY A 44 -6.69 3.99 18.14
N GLY A 1 22.46 1.61 -21.82
CA GLY A 1 21.52 2.37 -22.63
C GLY A 1 20.10 1.83 -22.53
N SER A 2 19.60 1.69 -21.30
CA SER A 2 18.26 1.17 -21.07
C SER A 2 17.22 2.13 -21.64
N SER A 3 16.58 1.72 -22.74
CA SER A 3 15.56 2.54 -23.39
C SER A 3 14.30 2.61 -22.52
N GLY A 4 13.79 1.45 -22.14
CA GLY A 4 12.59 1.41 -21.31
C GLY A 4 12.82 1.95 -19.93
N SER A 5 12.10 3.01 -19.58
CA SER A 5 12.23 3.62 -18.27
C SER A 5 12.45 2.58 -17.18
N SER A 6 13.54 2.70 -16.45
CA SER A 6 13.87 1.75 -15.39
C SER A 6 13.28 2.21 -14.06
N GLY A 7 12.64 1.28 -13.35
CA GLY A 7 12.03 1.61 -12.07
C GLY A 7 10.55 1.28 -12.03
N THR A 8 10.20 0.07 -12.43
CA THR A 8 8.81 -0.36 -12.44
C THR A 8 8.62 -1.65 -11.64
N GLY A 9 7.38 -2.05 -11.47
CA GLY A 9 7.09 -3.27 -10.72
C GLY A 9 5.84 -3.97 -11.22
N GLU A 10 4.76 -3.22 -11.40
CA GLU A 10 3.51 -3.79 -11.88
C GLU A 10 3.10 -4.99 -11.04
N LYS A 11 3.23 -4.86 -9.72
CA LYS A 11 2.87 -5.93 -8.80
C LYS A 11 1.39 -6.28 -8.92
N PRO A 12 1.07 -7.58 -8.76
CA PRO A 12 -0.30 -8.07 -8.85
C PRO A 12 -1.15 -7.63 -7.68
N TYR A 13 -0.51 -7.04 -6.67
CA TYR A 13 -1.21 -6.57 -5.49
C TYR A 13 -0.97 -5.08 -5.26
N GLU A 14 -2.04 -4.34 -5.04
CA GLU A 14 -1.94 -2.90 -4.81
C GLU A 14 -3.02 -2.43 -3.84
N CYS A 15 -2.64 -1.56 -2.91
CA CYS A 15 -3.58 -1.03 -1.93
C CYS A 15 -4.68 -0.21 -2.61
N ASN A 16 -5.62 0.28 -1.81
CA ASN A 16 -6.72 1.08 -2.34
C ASN A 16 -6.64 2.52 -1.83
N GLU A 17 -6.16 2.68 -0.60
CA GLU A 17 -6.02 4.00 0.00
C GLU A 17 -4.73 4.67 -0.44
N CYS A 18 -3.62 3.95 -0.27
CA CYS A 18 -2.31 4.48 -0.65
C CYS A 18 -1.90 3.98 -2.03
N GLN A 19 -2.65 3.01 -2.55
CA GLN A 19 -2.35 2.44 -3.86
C GLN A 19 -0.91 1.96 -3.93
N LYS A 20 -0.43 1.36 -2.85
CA LYS A 20 0.93 0.85 -2.79
C LYS A 20 0.99 -0.61 -3.22
N ALA A 21 2.06 -0.96 -3.95
CA ALA A 21 2.22 -2.33 -4.43
C ALA A 21 2.82 -3.21 -3.34
N PHE A 22 2.51 -4.50 -3.40
CA PHE A 22 3.01 -5.47 -2.43
C PHE A 22 3.47 -6.76 -3.10
N ASN A 23 4.17 -7.59 -2.35
CA ASN A 23 4.66 -8.86 -2.87
C ASN A 23 3.58 -9.94 -2.80
N THR A 24 2.93 -10.03 -1.64
CA THR A 24 1.88 -11.02 -1.44
C THR A 24 0.57 -10.35 -1.06
N LYS A 25 -0.52 -11.12 -1.08
CA LYS A 25 -1.83 -10.60 -0.74
C LYS A 25 -2.00 -10.49 0.78
N SER A 26 -1.76 -11.60 1.47
CA SER A 26 -1.88 -11.62 2.92
C SER A 26 -1.24 -10.38 3.54
N ASN A 27 -0.07 -10.02 3.05
CA ASN A 27 0.65 -8.85 3.55
C ASN A 27 -0.13 -7.57 3.28
N LEU A 28 -0.62 -7.43 2.05
CA LEU A 28 -1.38 -6.25 1.67
C LEU A 28 -2.63 -6.11 2.53
N MET A 29 -3.42 -7.18 2.61
CA MET A 29 -4.64 -7.18 3.41
C MET A 29 -4.37 -6.63 4.82
N VAL A 30 -3.39 -7.22 5.49
CA VAL A 30 -3.04 -6.79 6.84
C VAL A 30 -2.65 -5.32 6.87
N HIS A 31 -1.90 -4.89 5.86
CA HIS A 31 -1.46 -3.50 5.76
C HIS A 31 -2.66 -2.56 5.69
N GLN A 32 -3.52 -2.78 4.69
CA GLN A 32 -4.70 -1.95 4.51
C GLN A 32 -5.26 -1.49 5.85
N ARG A 33 -5.26 -2.40 6.82
CA ARG A 33 -5.77 -2.10 8.16
C ARG A 33 -5.03 -0.90 8.76
N THR A 34 -3.70 -0.96 8.75
CA THR A 34 -2.88 0.10 9.29
C THR A 34 -3.52 1.47 9.06
N HIS A 35 -4.10 1.65 7.88
CA HIS A 35 -4.75 2.90 7.52
C HIS A 35 -5.75 3.31 8.60
N THR A 36 -6.65 2.40 8.96
CA THR A 36 -7.65 2.68 9.98
C THR A 36 -7.00 3.16 11.27
N GLY A 37 -6.70 4.45 11.33
CA GLY A 37 -6.08 5.01 12.53
C GLY A 37 -4.59 5.22 12.36
N GLU A 38 -3.99 5.91 13.32
CA GLU A 38 -2.55 6.18 13.27
C GLU A 38 -1.75 4.89 13.38
N SER A 39 -0.60 4.86 12.71
CA SER A 39 0.26 3.68 12.74
C SER A 39 0.81 3.43 14.14
N GLY A 40 0.12 2.57 14.88
CA GLY A 40 0.55 2.25 16.24
C GLY A 40 -0.60 1.85 17.13
N PRO A 41 -0.99 0.57 17.06
CA PRO A 41 -2.09 0.03 17.87
C PRO A 41 -1.74 -0.06 19.35
N SER A 42 -0.45 -0.21 19.63
CA SER A 42 0.02 -0.31 21.01
C SER A 42 0.16 1.07 21.64
N SER A 43 -0.10 1.15 22.95
CA SER A 43 -0.03 2.42 23.67
C SER A 43 1.23 2.45 24.55
N GLY A 44 1.63 3.66 24.94
CA GLY A 44 2.80 3.80 25.78
C GLY A 44 3.80 4.79 25.22
N GLY A 1 8.22 20.09 -7.52
CA GLY A 1 8.44 18.90 -6.71
C GLY A 1 7.94 17.63 -7.38
N SER A 2 8.54 17.31 -8.52
CA SER A 2 8.14 16.11 -9.26
C SER A 2 8.65 14.84 -8.58
N SER A 3 7.72 14.00 -8.16
CA SER A 3 8.05 12.75 -7.49
C SER A 3 6.95 11.72 -7.66
N GLY A 4 7.33 10.44 -7.64
CA GLY A 4 6.35 9.38 -7.79
C GLY A 4 6.34 8.80 -9.19
N SER A 5 6.28 7.48 -9.28
CA SER A 5 6.26 6.81 -10.56
C SER A 5 4.85 6.34 -10.92
N SER A 6 4.45 6.57 -12.16
CA SER A 6 3.11 6.17 -12.62
C SER A 6 2.76 4.78 -12.11
N GLY A 7 3.68 3.83 -12.30
CA GLY A 7 3.43 2.47 -11.86
C GLY A 7 4.72 1.69 -11.67
N THR A 8 5.29 1.75 -10.47
CA THR A 8 6.53 1.05 -10.17
C THR A 8 6.26 -0.20 -9.35
N GLY A 9 6.85 -1.32 -9.77
CA GLY A 9 6.66 -2.57 -9.05
C GLY A 9 6.03 -3.63 -9.92
N GLU A 10 4.96 -3.26 -10.64
CA GLU A 10 4.26 -4.20 -11.51
C GLU A 10 3.83 -5.45 -10.73
N LYS A 11 3.24 -5.23 -9.56
CA LYS A 11 2.78 -6.32 -8.72
C LYS A 11 1.28 -6.53 -8.87
N PRO A 12 0.84 -7.80 -8.76
CA PRO A 12 -0.57 -8.16 -8.90
C PRO A 12 -1.41 -7.67 -7.71
N TYR A 13 -0.73 -7.14 -6.69
CA TYR A 13 -1.41 -6.63 -5.51
C TYR A 13 -1.14 -5.15 -5.32
N GLU A 14 -2.19 -4.40 -4.99
CA GLU A 14 -2.08 -2.96 -4.78
C GLU A 14 -3.08 -2.49 -3.74
N CYS A 15 -2.69 -1.45 -2.99
CA CYS A 15 -3.56 -0.89 -1.96
C CYS A 15 -4.69 -0.08 -2.58
N ASN A 16 -5.54 0.49 -1.73
CA ASN A 16 -6.66 1.29 -2.20
C ASN A 16 -6.54 2.73 -1.74
N GLU A 17 -6.12 2.91 -0.48
CA GLU A 17 -5.95 4.25 0.08
C GLU A 17 -4.64 4.88 -0.39
N CYS A 18 -3.55 4.15 -0.25
CA CYS A 18 -2.24 4.64 -0.67
C CYS A 18 -1.90 4.18 -2.08
N GLN A 19 -2.61 3.14 -2.53
CA GLN A 19 -2.38 2.59 -3.86
C GLN A 19 -0.96 2.08 -4.01
N LYS A 20 -0.47 1.39 -2.99
CA LYS A 20 0.88 0.84 -3.01
C LYS A 20 0.87 -0.63 -3.42
N ALA A 21 1.87 -1.02 -4.21
CA ALA A 21 1.97 -2.41 -4.67
C ALA A 21 2.69 -3.27 -3.64
N PHE A 22 2.25 -4.52 -3.52
CA PHE A 22 2.86 -5.45 -2.57
C PHE A 22 3.19 -6.78 -3.24
N ASN A 23 4.10 -7.53 -2.65
CA ASN A 23 4.51 -8.82 -3.19
C ASN A 23 3.41 -9.86 -3.02
N THR A 24 2.91 -9.99 -1.80
CA THR A 24 1.85 -10.95 -1.51
C THR A 24 0.61 -10.25 -0.99
N LYS A 25 -0.50 -10.99 -0.90
CA LYS A 25 -1.75 -10.43 -0.42
C LYS A 25 -1.74 -10.31 1.10
N SER A 26 -1.54 -11.43 1.77
CA SER A 26 -1.51 -11.46 3.23
C SER A 26 -0.79 -10.22 3.77
N ASN A 27 0.20 -9.74 3.03
CA ASN A 27 0.96 -8.56 3.44
C ASN A 27 0.16 -7.29 3.20
N LEU A 28 -0.54 -7.24 2.08
CA LEU A 28 -1.36 -6.08 1.73
C LEU A 28 -2.59 -5.99 2.63
N MET A 29 -3.34 -7.08 2.70
CA MET A 29 -4.55 -7.13 3.51
C MET A 29 -4.30 -6.50 4.89
N VAL A 30 -3.15 -6.82 5.47
CA VAL A 30 -2.79 -6.28 6.79
C VAL A 30 -2.40 -4.81 6.69
N HIS A 31 -1.75 -4.45 5.58
CA HIS A 31 -1.32 -3.07 5.37
C HIS A 31 -2.52 -2.16 5.10
N GLN A 32 -3.64 -2.76 4.70
CA GLN A 32 -4.84 -2.00 4.41
C GLN A 32 -5.60 -1.67 5.69
N ARG A 33 -5.72 -2.66 6.58
CA ARG A 33 -6.42 -2.47 7.84
C ARG A 33 -5.66 -1.50 8.74
N THR A 34 -4.35 -1.69 8.84
CA THR A 34 -3.51 -0.83 9.67
C THR A 34 -3.76 0.64 9.37
N HIS A 35 -3.84 0.98 8.08
CA HIS A 35 -4.07 2.35 7.66
C HIS A 35 -5.02 3.06 8.64
N THR A 36 -6.21 2.50 8.82
CA THR A 36 -7.19 3.07 9.73
C THR A 36 -6.53 3.70 10.95
N GLY A 37 -5.70 2.92 11.62
CA GLY A 37 -5.00 3.41 12.80
C GLY A 37 -3.58 3.82 12.51
N GLU A 38 -3.31 5.12 12.65
CA GLU A 38 -1.97 5.64 12.41
C GLU A 38 -1.37 6.25 13.67
N SER A 39 -0.26 5.67 14.13
CA SER A 39 0.40 6.16 15.33
C SER A 39 1.71 5.40 15.57
N GLY A 40 2.83 6.08 15.33
CA GLY A 40 4.13 5.46 15.51
C GLY A 40 5.23 6.48 15.70
N PRO A 41 6.44 5.99 15.98
CA PRO A 41 7.62 6.84 16.19
C PRO A 41 8.08 7.53 14.90
N SER A 42 7.65 8.78 14.72
CA SER A 42 8.02 9.55 13.53
C SER A 42 8.03 11.04 13.83
N SER A 43 8.65 11.81 12.95
CA SER A 43 8.73 13.26 13.11
C SER A 43 7.43 13.93 12.65
N GLY A 44 6.96 13.54 11.47
CA GLY A 44 5.74 14.11 10.93
C GLY A 44 5.93 15.53 10.46
N GLY A 1 -5.48 19.88 -10.77
CA GLY A 1 -6.22 18.66 -11.02
C GLY A 1 -5.31 17.45 -11.15
N SER A 2 -4.88 16.92 -10.00
CA SER A 2 -4.00 15.75 -9.98
C SER A 2 -4.32 14.86 -8.80
N SER A 3 -4.47 13.56 -9.07
CA SER A 3 -4.77 12.60 -8.02
C SER A 3 -4.46 11.17 -8.48
N GLY A 4 -4.40 10.25 -7.53
CA GLY A 4 -4.11 8.86 -7.86
C GLY A 4 -5.28 8.17 -8.53
N SER A 5 -5.44 8.43 -9.83
CA SER A 5 -6.53 7.82 -10.59
C SER A 5 -6.03 6.65 -11.43
N SER A 6 -4.88 6.83 -12.07
CA SER A 6 -4.30 5.80 -12.90
C SER A 6 -3.45 4.84 -12.07
N GLY A 7 -4.08 3.79 -11.57
CA GLY A 7 -3.37 2.81 -10.75
C GLY A 7 -3.21 1.48 -11.45
N THR A 8 -2.01 1.23 -11.98
CA THR A 8 -1.74 -0.02 -12.68
C THR A 8 -0.60 -0.79 -12.01
N GLY A 9 0.57 -0.17 -11.96
CA GLY A 9 1.73 -0.80 -11.35
C GLY A 9 2.03 -2.16 -11.96
N GLU A 10 3.25 -2.64 -11.73
CA GLU A 10 3.67 -3.93 -12.27
C GLU A 10 3.58 -5.01 -11.20
N LYS A 11 2.55 -4.94 -10.37
CA LYS A 11 2.34 -5.92 -9.31
C LYS A 11 0.88 -6.36 -9.24
N PRO A 12 0.68 -7.65 -8.94
CA PRO A 12 -0.67 -8.24 -8.84
C PRO A 12 -1.43 -7.72 -7.64
N TYR A 13 -0.74 -7.01 -6.75
CA TYR A 13 -1.36 -6.46 -5.55
C TYR A 13 -1.12 -4.96 -5.46
N GLU A 14 -2.19 -4.21 -5.23
CA GLU A 14 -2.10 -2.76 -5.11
C GLU A 14 -3.15 -2.22 -4.14
N CYS A 15 -2.69 -1.64 -3.04
CA CYS A 15 -3.59 -1.09 -2.04
C CYS A 15 -4.59 -0.13 -2.66
N ASN A 16 -5.49 0.41 -1.85
CA ASN A 16 -6.51 1.34 -2.33
C ASN A 16 -6.25 2.75 -1.79
N GLU A 17 -5.98 2.83 -0.49
CA GLU A 17 -5.74 4.12 0.15
C GLU A 17 -4.39 4.69 -0.30
N CYS A 18 -3.33 3.91 -0.13
CA CYS A 18 -1.99 4.33 -0.51
C CYS A 18 -1.68 3.89 -1.93
N GLN A 19 -2.41 2.92 -2.43
CA GLN A 19 -2.21 2.40 -3.78
C GLN A 19 -0.79 1.89 -3.96
N LYS A 20 -0.26 1.24 -2.91
CA LYS A 20 1.09 0.70 -2.96
C LYS A 20 1.07 -0.78 -3.31
N ALA A 21 2.18 -1.27 -3.84
CA ALA A 21 2.29 -2.68 -4.23
C ALA A 21 2.98 -3.49 -3.13
N PHE A 22 2.68 -4.78 -3.09
CA PHE A 22 3.26 -5.67 -2.10
C PHE A 22 3.64 -7.01 -2.71
N ASN A 23 4.69 -7.63 -2.18
CA ASN A 23 5.15 -8.93 -2.67
C ASN A 23 4.06 -9.98 -2.58
N THR A 24 3.41 -10.04 -1.41
CA THR A 24 2.34 -11.01 -1.18
C THR A 24 1.02 -10.31 -0.88
N LYS A 25 -0.07 -11.05 -0.97
CA LYS A 25 -1.39 -10.51 -0.71
C LYS A 25 -1.62 -10.32 0.79
N SER A 26 -1.43 -11.39 1.55
CA SER A 26 -1.62 -11.35 2.99
C SER A 26 -1.08 -10.03 3.56
N ASN A 27 0.10 -9.64 3.11
CA ASN A 27 0.72 -8.40 3.58
C ASN A 27 -0.17 -7.20 3.30
N LEU A 28 -0.71 -7.14 2.08
CA LEU A 28 -1.59 -6.04 1.68
C LEU A 28 -2.87 -6.05 2.50
N MET A 29 -3.56 -7.19 2.51
CA MET A 29 -4.81 -7.32 3.25
C MET A 29 -4.64 -6.80 4.68
N VAL A 30 -3.61 -7.28 5.36
CA VAL A 30 -3.34 -6.86 6.73
C VAL A 30 -2.95 -5.39 6.80
N HIS A 31 -2.08 -4.98 5.88
CA HIS A 31 -1.64 -3.59 5.83
C HIS A 31 -2.82 -2.63 5.78
N GLN A 32 -3.70 -2.82 4.79
CA GLN A 32 -4.87 -1.97 4.64
C GLN A 32 -5.44 -1.58 5.99
N ARG A 33 -5.46 -2.53 6.92
CA ARG A 33 -5.98 -2.29 8.26
C ARG A 33 -5.30 -1.08 8.89
N THR A 34 -3.97 -1.06 8.84
CA THR A 34 -3.20 0.03 9.41
C THR A 34 -3.85 1.39 9.11
N HIS A 35 -4.15 1.62 7.84
CA HIS A 35 -4.78 2.87 7.43
C HIS A 35 -5.84 3.31 8.43
N THR A 36 -6.84 2.47 8.62
CA THR A 36 -7.92 2.77 9.56
C THR A 36 -7.67 2.11 10.91
N GLY A 37 -6.42 2.09 11.34
CA GLY A 37 -6.08 1.48 12.61
C GLY A 37 -6.93 0.28 12.93
N GLU A 38 -7.25 0.08 14.21
CA GLU A 38 -8.06 -1.05 14.64
C GLU A 38 -9.23 -0.58 15.49
N SER A 39 -9.85 0.52 15.09
CA SER A 39 -10.98 1.08 15.83
C SER A 39 -11.68 2.16 15.01
N GLY A 40 -12.89 2.52 15.42
CA GLY A 40 -13.65 3.54 14.73
C GLY A 40 -14.47 4.39 15.66
N PRO A 41 -13.79 5.31 16.37
CA PRO A 41 -14.45 6.22 17.33
C PRO A 41 -15.32 7.25 16.64
N SER A 42 -15.37 7.19 15.30
CA SER A 42 -16.16 8.13 14.52
C SER A 42 -17.15 7.38 13.62
N SER A 43 -18.44 7.62 13.85
CA SER A 43 -19.48 6.98 13.07
C SER A 43 -19.54 7.55 11.66
N GLY A 44 -19.36 6.69 10.66
CA GLY A 44 -19.40 7.14 9.27
C GLY A 44 -19.68 6.01 8.32
N GLY A 1 18.60 7.49 -17.45
CA GLY A 1 17.86 6.95 -16.34
C GLY A 1 17.28 8.04 -15.45
N SER A 2 16.15 8.60 -15.86
CA SER A 2 15.49 9.67 -15.10
C SER A 2 15.30 9.25 -13.65
N SER A 3 15.02 10.22 -12.79
CA SER A 3 14.82 9.96 -11.37
C SER A 3 13.33 9.87 -11.05
N GLY A 4 12.83 8.64 -10.92
CA GLY A 4 11.43 8.43 -10.60
C GLY A 4 11.09 6.97 -10.43
N SER A 5 9.87 6.70 -9.97
CA SER A 5 9.41 5.33 -9.74
C SER A 5 9.29 4.59 -11.07
N SER A 6 9.96 3.44 -11.16
CA SER A 6 9.93 2.64 -12.38
C SER A 6 9.27 1.28 -12.12
N GLY A 7 9.75 0.60 -11.07
CA GLY A 7 9.20 -0.69 -10.73
C GLY A 7 9.81 -1.82 -11.55
N THR A 8 10.52 -2.73 -10.88
CA THR A 8 11.15 -3.85 -11.56
C THR A 8 10.31 -5.11 -11.44
N GLY A 9 8.99 -4.96 -11.56
CA GLY A 9 8.10 -6.10 -11.45
C GLY A 9 6.75 -5.73 -10.88
N GLU A 10 5.95 -5.01 -11.67
CA GLU A 10 4.63 -4.59 -11.24
C GLU A 10 3.92 -5.71 -10.48
N LYS A 11 3.56 -5.44 -9.23
CA LYS A 11 2.88 -6.42 -8.39
C LYS A 11 1.40 -6.50 -8.76
N PRO A 12 0.85 -7.72 -8.70
CA PRO A 12 -0.58 -7.96 -9.02
C PRO A 12 -1.51 -7.38 -7.97
N TYR A 13 -0.93 -6.89 -6.87
CA TYR A 13 -1.72 -6.31 -5.78
C TYR A 13 -1.41 -4.83 -5.64
N GLU A 14 -2.45 -4.05 -5.32
CA GLU A 14 -2.29 -2.61 -5.15
C GLU A 14 -3.37 -2.05 -4.22
N CYS A 15 -2.94 -1.42 -3.13
CA CYS A 15 -3.87 -0.85 -2.17
C CYS A 15 -4.87 0.09 -2.85
N ASN A 16 -5.74 0.68 -2.05
CA ASN A 16 -6.75 1.59 -2.59
C ASN A 16 -6.52 3.02 -2.08
N GLU A 17 -6.39 3.16 -0.76
CA GLU A 17 -6.18 4.46 -0.14
C GLU A 17 -4.80 5.00 -0.52
N CYS A 18 -3.77 4.21 -0.26
CA CYS A 18 -2.40 4.62 -0.57
C CYS A 18 -1.98 4.12 -1.95
N GLN A 19 -2.69 3.12 -2.46
CA GLN A 19 -2.40 2.55 -3.77
C GLN A 19 -0.97 2.03 -3.83
N LYS A 20 -0.56 1.30 -2.80
CA LYS A 20 0.78 0.74 -2.73
C LYS A 20 0.78 -0.71 -3.17
N ALA A 21 1.80 -1.09 -3.94
CA ALA A 21 1.92 -2.46 -4.43
C ALA A 21 2.61 -3.35 -3.41
N PHE A 22 2.10 -4.58 -3.25
CA PHE A 22 2.68 -5.52 -2.30
C PHE A 22 3.04 -6.82 -2.99
N ASN A 23 4.24 -7.33 -2.69
CA ASN A 23 4.71 -8.58 -3.29
C ASN A 23 3.72 -9.72 -3.02
N THR A 24 3.24 -9.79 -1.78
CA THR A 24 2.30 -10.83 -1.39
C THR A 24 0.95 -10.23 -0.99
N LYS A 25 -0.11 -11.02 -1.15
CA LYS A 25 -1.45 -10.57 -0.81
C LYS A 25 -1.62 -10.41 0.70
N SER A 26 -1.39 -11.50 1.43
CA SER A 26 -1.52 -11.49 2.88
C SER A 26 -1.00 -10.17 3.45
N ASN A 27 0.16 -9.73 2.97
CA ASN A 27 0.76 -8.49 3.44
C ASN A 27 -0.17 -7.30 3.19
N LEU A 28 -0.72 -7.24 1.98
CA LEU A 28 -1.63 -6.16 1.62
C LEU A 28 -2.80 -6.08 2.60
N MET A 29 -3.46 -7.21 2.82
CA MET A 29 -4.60 -7.28 3.73
C MET A 29 -4.23 -6.68 5.08
N VAL A 30 -3.19 -7.24 5.71
CA VAL A 30 -2.75 -6.76 7.01
C VAL A 30 -2.40 -5.27 6.97
N HIS A 31 -1.94 -4.81 5.81
CA HIS A 31 -1.58 -3.41 5.64
C HIS A 31 -2.82 -2.53 5.63
N GLN A 32 -3.74 -2.81 4.72
CA GLN A 32 -4.97 -2.03 4.61
C GLN A 32 -5.57 -1.77 5.98
N ARG A 33 -5.23 -2.61 6.95
CA ARG A 33 -5.73 -2.48 8.30
C ARG A 33 -5.00 -1.36 9.05
N THR A 34 -3.68 -1.36 8.95
CA THR A 34 -2.86 -0.34 9.62
C THR A 34 -3.31 1.06 9.21
N HIS A 35 -4.01 1.16 8.09
CA HIS A 35 -4.49 2.44 7.60
C HIS A 35 -5.38 3.13 8.63
N THR A 36 -6.44 2.44 9.05
CA THR A 36 -7.37 2.98 10.04
C THR A 36 -6.83 2.79 11.45
N GLY A 37 -6.16 3.81 11.96
CA GLY A 37 -5.60 3.74 13.30
C GLY A 37 -4.88 5.00 13.70
N GLU A 38 -3.55 4.97 13.61
CA GLU A 38 -2.74 6.13 13.96
C GLU A 38 -3.05 7.31 13.06
N SER A 39 -2.49 8.47 13.41
CA SER A 39 -2.72 9.68 12.63
C SER A 39 -1.66 9.84 11.53
N GLY A 40 -0.40 9.61 11.90
CA GLY A 40 0.68 9.72 10.94
C GLY A 40 1.49 10.99 11.14
N PRO A 41 2.53 11.16 10.30
CA PRO A 41 3.41 12.32 10.36
C PRO A 41 2.71 13.61 9.90
N SER A 42 2.98 14.71 10.60
CA SER A 42 2.38 15.99 10.27
C SER A 42 3.22 16.72 9.22
N SER A 43 2.95 16.43 7.94
CA SER A 43 3.68 17.06 6.86
C SER A 43 2.74 17.91 5.99
N GLY A 44 2.83 19.23 6.15
CA GLY A 44 1.98 20.13 5.38
C GLY A 44 0.54 19.66 5.33
#